data_1W5T
#
_entry.id   1W5T
#
_cell.length_a   61.489
_cell.length_b   61.489
_cell.length_c   267.865
_cell.angle_alpha   90.00
_cell.angle_beta   90.00
_cell.angle_gamma   120.00
#
_symmetry.space_group_name_H-M   'P 31'
#
loop_
_entity.id
_entity.type
_entity.pdbx_description
1 polymer ORC2
2 non-polymer 'PHOSPHOAMINOPHOSPHONIC ACID-ADENYLATE ESTER'
3 non-polymer 'MAGNESIUM ION'
4 non-polymer "ADENOSINE-5'-DIPHOSPHATE"
5 water water
#
_entity_poly.entity_id   1
_entity_poly.type   'polypeptide(L)'
_entity_poly.pdbx_seq_one_letter_code
;MKVLRHGLFKDRRVFDENYIPPELRVRRGEAEALARIYLNRLLSGAGLSDVNMIYGSIGRVGIGKTTLAKFTVKRVSEAA
AKEGLTVKQAYVNAFNAPNLYTILSLIVRQTGYPIQVRGAPALDILKALVDNLYVENHYLLVILDEFQSMLSSPRIAAED
LYTLLRVHEEIPSRDGVNRIGFLLVASDVRALSYMREKIPQVESQIGFKLHLPAYKSRELYTILEQRAELGLRDTVWEPR
HLELISDVYGEDKGGDGSARRAIVALKMACEMAEAMGRDSLSEDLVRKAVSENEAASIQTHELEALSIHELIILRLIAEA
TLGGMEWINAGLLRQRYEDASLTMYNVKPRGYTQYHIYLKHLTSLGLVDAKPSGRGMRGRTTLFRLAPHLPADRLIEVVD
NIIQAKMASGYE
;
_entity_poly.pdbx_strand_id   A,B,C
#
# COMPACT_ATOMS: atom_id res chain seq x y z
N GLY A 7 40.98 -0.24 2.72
CA GLY A 7 40.94 0.08 4.19
C GLY A 7 40.20 -0.96 5.00
N LEU A 8 38.95 -0.66 5.36
CA LEU A 8 38.16 -1.53 6.21
C LEU A 8 37.37 -2.57 5.43
N PHE A 9 37.09 -2.27 4.18
CA PHE A 9 36.21 -3.08 3.38
C PHE A 9 37.02 -4.14 2.67
N LYS A 10 36.51 -5.36 2.58
CA LYS A 10 37.10 -6.31 1.67
C LYS A 10 36.31 -6.35 0.34
N ASP A 11 35.06 -5.86 0.36
CA ASP A 11 34.21 -5.67 -0.83
C ASP A 11 33.06 -4.68 -0.58
N ARG A 12 33.32 -3.41 -0.87
CA ARG A 12 32.35 -2.34 -0.76
C ARG A 12 30.99 -2.56 -1.46
N ARG A 13 30.93 -3.43 -2.47
CA ARG A 13 29.69 -3.58 -3.24
C ARG A 13 28.61 -4.34 -2.43
N VAL A 14 29.07 -5.06 -1.42
CA VAL A 14 28.19 -5.75 -0.47
C VAL A 14 27.28 -4.75 0.23
N PHE A 15 27.64 -3.47 0.20
CA PHE A 15 26.89 -2.41 0.86
C PHE A 15 26.00 -1.60 -0.09
N ASP A 16 26.08 -1.91 -1.38
CA ASP A 16 25.24 -1.22 -2.36
C ASP A 16 23.80 -1.75 -2.28
N GLU A 17 22.86 -0.87 -2.61
CA GLU A 17 21.40 -1.06 -2.45
C GLU A 17 20.81 -2.24 -3.24
N ASN A 18 21.40 -2.58 -4.38
CA ASN A 18 20.92 -3.79 -5.00
C ASN A 18 21.85 -4.99 -4.93
N TYR A 19 22.74 -5.02 -3.93
CA TYR A 19 23.45 -6.23 -3.69
C TYR A 19 22.49 -7.25 -3.09
N ILE A 20 22.52 -8.45 -3.65
CA ILE A 20 21.76 -9.61 -3.15
C ILE A 20 22.73 -10.61 -2.56
N PRO A 21 22.58 -10.95 -1.28
CA PRO A 21 23.54 -11.85 -0.65
C PRO A 21 23.43 -13.25 -1.26
N PRO A 22 24.50 -14.06 -1.24
CA PRO A 22 24.47 -15.41 -1.85
C PRO A 22 23.49 -16.36 -1.12
N GLU A 23 23.13 -16.04 0.13
CA GLU A 23 22.16 -16.83 0.91
C GLU A 23 21.32 -15.89 1.73
N LEU A 24 20.11 -16.29 2.11
CA LEU A 24 19.35 -15.50 3.10
C LEU A 24 19.42 -16.14 4.48
N ARG A 25 19.59 -15.33 5.52
CA ARG A 25 19.63 -15.86 6.88
C ARG A 25 18.42 -15.45 7.74
N VAL A 26 17.65 -14.54 7.19
CA VAL A 26 16.40 -14.10 7.71
C VAL A 26 15.53 -14.11 6.48
N ARG A 27 14.27 -14.54 6.63
CA ARG A 27 13.31 -14.73 5.52
C ARG A 27 13.66 -15.94 4.60
N ARG A 28 14.53 -16.82 5.09
CA ARG A 28 14.96 -17.95 4.31
C ARG A 28 13.76 -18.87 4.05
N GLY A 29 12.98 -19.16 5.08
CA GLY A 29 11.80 -19.98 4.93
C GLY A 29 10.78 -19.42 3.97
N GLU A 30 10.52 -18.11 4.04
CA GLU A 30 9.61 -17.50 3.11
C GLU A 30 10.09 -17.61 1.68
N ALA A 31 11.40 -17.49 1.47
CA ALA A 31 11.98 -17.64 0.15
C ALA A 31 11.86 -19.07 -0.36
N GLU A 32 12.02 -20.05 0.52
CA GLU A 32 11.84 -21.45 0.13
C GLU A 32 10.43 -21.81 -0.25
N ALA A 33 9.46 -21.24 0.48
CA ALA A 33 8.05 -21.51 0.28
C ALA A 33 7.61 -20.99 -1.05
N LEU A 34 8.04 -19.76 -1.37
CA LEU A 34 7.76 -19.12 -2.64
C LEU A 34 8.43 -19.87 -3.77
N ALA A 35 9.69 -20.21 -3.57
CA ALA A 35 10.42 -20.96 -4.60
C ALA A 35 9.70 -22.27 -4.90
N ARG A 36 9.36 -23.01 -3.87
CA ARG A 36 8.60 -24.27 -3.98
C ARG A 36 7.27 -24.20 -4.73
N ILE A 37 6.52 -23.11 -4.59
CA ILE A 37 5.25 -23.04 -5.32
C ILE A 37 5.52 -23.03 -6.79
N TYR A 38 6.52 -22.24 -7.20
CA TYR A 38 6.92 -22.23 -8.61
C TYR A 38 7.44 -23.59 -9.02
N LEU A 39 8.48 -24.09 -8.35
CA LEU A 39 9.13 -25.38 -8.65
C LEU A 39 8.17 -26.58 -8.69
N ASN A 40 7.26 -26.69 -7.73
CA ASN A 40 6.23 -27.75 -7.73
C ASN A 40 5.50 -27.90 -9.06
N ARG A 41 5.04 -26.78 -9.62
CA ARG A 41 4.40 -26.74 -10.93
C ARG A 41 5.44 -27.13 -12.01
N LEU A 42 6.65 -26.61 -11.90
CA LEU A 42 7.63 -26.76 -12.95
C LEU A 42 8.28 -28.14 -12.98
N LEU A 43 8.64 -28.66 -11.82
CA LEU A 43 9.33 -29.94 -11.71
C LEU A 43 8.36 -31.14 -11.89
N SER A 44 7.06 -30.86 -11.92
CA SER A 44 6.05 -31.87 -12.23
C SER A 44 5.52 -31.80 -13.67
N GLY A 45 6.25 -31.11 -14.57
CA GLY A 45 5.93 -31.09 -15.99
C GLY A 45 4.75 -30.21 -16.37
N ALA A 46 4.24 -29.44 -15.40
CA ALA A 46 3.16 -28.50 -15.65
C ALA A 46 3.60 -27.08 -16.00
N GLY A 47 4.90 -26.87 -16.23
CA GLY A 47 5.44 -25.61 -16.70
C GLY A 47 5.50 -24.54 -15.61
N LEU A 48 5.38 -23.27 -16.02
CA LEU A 48 5.42 -22.08 -15.15
C LEU A 48 4.21 -21.25 -15.46
N SER A 49 3.40 -20.94 -14.44
CA SER A 49 2.19 -20.15 -14.64
C SER A 49 1.66 -19.47 -13.38
N ASP A 50 2.21 -19.82 -12.21
CA ASP A 50 1.73 -19.24 -10.96
C ASP A 50 1.96 -17.74 -10.83
N VAL A 51 1.04 -17.08 -10.14
CA VAL A 51 1.17 -15.67 -9.84
C VAL A 51 1.14 -15.56 -8.33
N ASN A 52 2.21 -15.05 -7.75
CA ASN A 52 2.25 -14.83 -6.30
C ASN A 52 2.60 -13.38 -5.94
N MET A 53 2.36 -12.97 -4.71
CA MET A 53 2.64 -11.61 -4.34
C MET A 53 3.37 -11.54 -3.02
N ILE A 54 4.26 -10.55 -2.93
CA ILE A 54 4.93 -10.11 -1.70
C ILE A 54 4.48 -8.71 -1.45
N TYR A 55 4.02 -8.41 -0.25
CA TYR A 55 3.79 -7.03 0.18
C TYR A 55 4.37 -6.79 1.58
N GLY A 56 4.58 -5.53 1.93
CA GLY A 56 5.10 -5.17 3.23
C GLY A 56 4.13 -4.47 4.14
N SER A 57 4.54 -4.23 5.38
CA SER A 57 3.70 -3.47 6.28
C SER A 57 3.49 -2.08 5.73
N ILE A 58 2.33 -1.52 6.05
CA ILE A 58 1.96 -0.24 5.50
C ILE A 58 2.82 0.92 6.06
N GLY A 59 3.38 1.70 5.16
CA GLY A 59 4.32 2.75 5.51
C GLY A 59 5.73 2.32 5.86
N ARG A 60 6.05 1.04 5.95
CA ARG A 60 7.41 0.58 6.26
C ARG A 60 8.23 0.42 4.99
N VAL A 61 9.50 0.84 5.04
CA VAL A 61 10.43 0.70 3.92
C VAL A 61 11.73 -0.02 4.33
N GLY A 62 12.38 -0.70 3.37
CA GLY A 62 13.65 -1.34 3.61
C GLY A 62 13.53 -2.64 4.38
N ILE A 63 12.42 -3.34 4.16
CA ILE A 63 12.11 -4.57 4.89
C ILE A 63 12.20 -5.85 4.04
N GLY A 64 12.84 -5.75 2.86
CA GLY A 64 13.20 -6.94 2.10
C GLY A 64 12.25 -7.39 1.00
N LYS A 65 11.26 -6.58 0.65
CA LYS A 65 10.35 -6.88 -0.45
C LYS A 65 11.10 -7.22 -1.75
N THR A 66 11.93 -6.29 -2.19
CA THR A 66 12.68 -6.45 -3.42
C THR A 66 13.70 -7.58 -3.34
N THR A 67 14.47 -7.59 -2.25
CA THR A 67 15.48 -8.62 -2.00
C THR A 67 14.88 -10.03 -1.96
N LEU A 68 13.80 -10.23 -1.22
CA LEU A 68 13.13 -11.52 -1.20
C LEU A 68 12.71 -11.95 -2.59
N ALA A 69 12.15 -11.02 -3.35
CA ALA A 69 11.61 -11.40 -4.65
C ALA A 69 12.77 -11.81 -5.57
N LYS A 70 13.86 -11.05 -5.57
CA LYS A 70 14.96 -11.36 -6.47
C LYS A 70 15.69 -12.59 -6.01
N PHE A 71 15.88 -12.73 -4.70
CA PHE A 71 16.54 -13.92 -4.23
C PHE A 71 15.76 -15.17 -4.61
N THR A 72 14.43 -15.12 -4.49
CA THR A 72 13.55 -16.28 -4.72
C THR A 72 13.64 -16.78 -6.17
N VAL A 73 13.58 -15.81 -7.09
CA VAL A 73 13.63 -16.10 -8.49
C VAL A 73 15.00 -16.70 -8.82
N LYS A 74 16.02 -16.16 -8.18
CA LYS A 74 17.37 -16.71 -8.30
C LYS A 74 17.38 -18.18 -7.89
N ARG A 75 16.80 -18.49 -6.74
CA ARG A 75 16.66 -19.90 -6.31
C ARG A 75 15.84 -20.78 -7.25
N VAL A 76 14.71 -20.30 -7.74
CA VAL A 76 13.93 -21.08 -8.71
C VAL A 76 14.87 -21.48 -9.90
N SER A 77 15.57 -20.50 -10.43
CA SER A 77 16.54 -20.70 -11.50
C SER A 77 17.65 -21.72 -11.17
N GLU A 78 18.32 -21.60 -10.02
CA GLU A 78 19.32 -22.61 -9.67
C GLU A 78 18.72 -24.03 -9.58
N ALA A 79 17.60 -24.15 -8.86
CA ALA A 79 16.98 -25.47 -8.65
C ALA A 79 16.48 -26.09 -9.99
N ALA A 80 16.00 -25.25 -10.89
CA ALA A 80 15.47 -25.77 -12.12
C ALA A 80 16.60 -26.22 -13.04
N ALA A 81 17.75 -25.56 -12.95
CA ALA A 81 18.92 -25.96 -13.70
C ALA A 81 19.48 -27.32 -13.28
N LYS A 82 19.43 -27.66 -11.99
CA LYS A 82 19.84 -29.01 -11.56
C LYS A 82 19.08 -30.10 -12.32
N GLU A 83 17.83 -29.82 -12.69
CA GLU A 83 17.01 -30.71 -13.51
C GLU A 83 17.11 -30.36 -15.02
N GLY A 84 18.02 -29.45 -15.35
CA GLY A 84 18.31 -29.09 -16.72
C GLY A 84 17.29 -28.23 -17.47
N LEU A 85 16.41 -27.52 -16.76
CA LEU A 85 15.24 -26.86 -17.39
C LEU A 85 15.39 -25.50 -18.18
N THR A 86 16.10 -24.53 -17.55
CA THR A 86 16.28 -23.11 -18.00
C THR A 86 15.17 -22.09 -17.66
N VAL A 87 15.30 -21.39 -16.53
CA VAL A 87 14.39 -20.31 -16.26
C VAL A 87 15.12 -18.98 -16.25
N LYS A 88 14.63 -18.08 -17.08
CA LYS A 88 15.12 -16.73 -17.13
C LYS A 88 14.35 -15.88 -16.17
N GLN A 89 14.99 -14.80 -15.76
CA GLN A 89 14.47 -13.89 -14.75
C GLN A 89 14.31 -12.51 -15.38
N ALA A 90 13.20 -11.84 -15.13
CA ALA A 90 13.14 -10.50 -15.63
C ALA A 90 12.63 -9.69 -14.48
N TYR A 91 13.20 -8.50 -14.31
CA TYR A 91 12.85 -7.64 -13.20
C TYR A 91 12.37 -6.31 -13.74
N VAL A 92 11.17 -5.92 -13.35
CA VAL A 92 10.65 -4.64 -13.73
C VAL A 92 10.12 -3.89 -12.54
N ASN A 93 10.65 -2.68 -12.36
CA ASN A 93 10.12 -1.74 -11.41
C ASN A 93 9.07 -0.85 -12.13
N ALA A 94 7.79 -1.01 -11.75
CA ALA A 94 6.69 -0.43 -12.49
C ALA A 94 6.49 1.07 -12.29
N PHE A 95 7.20 1.65 -11.32
CA PHE A 95 7.38 3.11 -11.25
C PHE A 95 8.05 3.64 -12.53
N ASN A 96 8.96 2.83 -13.06
CA ASN A 96 9.81 3.18 -14.19
C ASN A 96 9.18 2.91 -15.58
N ALA A 97 7.83 2.76 -15.60
CA ALA A 97 7.06 2.32 -16.77
C ALA A 97 5.56 2.69 -16.77
N PRO A 98 5.20 3.83 -17.38
CA PRO A 98 3.78 4.26 -17.52
C PRO A 98 2.77 3.24 -18.05
N ASN A 99 3.09 2.50 -19.13
CA ASN A 99 2.12 1.63 -19.79
C ASN A 99 2.61 0.19 -19.90
N LEU A 100 1.69 -0.71 -20.27
CA LEU A 100 2.00 -2.11 -20.47
C LEU A 100 2.99 -2.30 -21.61
N TYR A 101 2.88 -1.42 -22.61
CA TYR A 101 3.81 -1.48 -23.72
C TYR A 101 5.26 -1.32 -23.20
N THR A 102 5.46 -0.40 -22.26
CA THR A 102 6.79 -0.15 -21.73
C THR A 102 7.26 -1.28 -20.80
N ILE A 103 6.39 -1.76 -19.91
CA ILE A 103 6.67 -2.94 -19.07
C ILE A 103 7.19 -4.11 -19.92
N LEU A 104 6.44 -4.40 -21.00
CA LEU A 104 6.77 -5.47 -21.91
C LEU A 104 8.09 -5.30 -22.64
N SER A 105 8.40 -4.10 -23.07
CA SER A 105 9.66 -3.98 -23.83
C SER A 105 10.84 -4.06 -22.87
N LEU A 106 10.64 -3.62 -21.64
CA LEU A 106 11.64 -3.86 -20.61
C LEU A 106 11.81 -5.39 -20.38
N ILE A 107 10.71 -6.14 -20.30
CA ILE A 107 10.84 -7.59 -20.12
C ILE A 107 11.62 -8.27 -21.29
N VAL A 108 11.34 -7.91 -22.56
CA VAL A 108 12.12 -8.46 -23.70
C VAL A 108 13.62 -8.08 -23.69
N ARG A 109 13.95 -6.80 -23.43
CA ARG A 109 15.33 -6.31 -23.27
C ARG A 109 16.07 -7.33 -22.36
N GLN A 110 15.50 -7.62 -21.20
CA GLN A 110 16.08 -8.57 -20.25
C GLN A 110 16.24 -10.04 -20.69
N THR A 111 15.36 -10.56 -21.55
CA THR A 111 15.50 -11.94 -22.01
C THR A 111 16.66 -11.99 -22.97
N GLY A 112 16.94 -10.85 -23.60
CA GLY A 112 17.90 -10.79 -24.70
C GLY A 112 17.40 -11.29 -26.04
N TYR A 113 16.16 -11.77 -26.10
CA TYR A 113 15.59 -12.30 -27.35
C TYR A 113 15.43 -11.20 -28.41
N PRO A 114 15.67 -11.52 -29.67
CA PRO A 114 15.59 -10.48 -30.69
C PRO A 114 14.15 -10.39 -31.14
N ILE A 115 13.41 -9.55 -30.45
CA ILE A 115 12.00 -9.39 -30.69
C ILE A 115 11.86 -7.92 -30.96
N GLN A 116 11.25 -7.56 -32.08
CA GLN A 116 11.09 -6.17 -32.45
C GLN A 116 9.85 -5.68 -31.78
N VAL A 117 10.06 -4.65 -31.00
CA VAL A 117 9.03 -4.00 -30.19
C VAL A 117 8.51 -2.69 -30.79
N ARG A 118 9.22 -2.11 -31.76
CA ARG A 118 8.76 -0.90 -32.47
C ARG A 118 7.33 -1.12 -32.93
N GLY A 119 6.41 -0.28 -32.50
CA GLY A 119 5.08 -0.35 -33.04
C GLY A 119 4.27 -1.61 -32.75
N ALA A 120 4.79 -2.51 -31.91
CA ALA A 120 4.03 -3.72 -31.58
C ALA A 120 3.09 -3.47 -30.40
N PRO A 121 1.82 -3.82 -30.54
CA PRO A 121 0.91 -3.73 -29.38
C PRO A 121 1.37 -4.66 -28.26
N ALA A 122 1.07 -4.26 -27.03
CA ALA A 122 1.37 -5.02 -25.82
C ALA A 122 1.05 -6.49 -25.96
N LEU A 123 -0.14 -6.78 -26.48
CA LEU A 123 -0.54 -8.16 -26.75
C LEU A 123 0.43 -8.86 -27.70
N ASP A 124 0.89 -8.18 -28.75
CA ASP A 124 1.70 -8.80 -29.78
C ASP A 124 3.08 -9.13 -29.24
N ILE A 125 3.60 -8.25 -28.39
CA ILE A 125 4.88 -8.47 -27.73
C ILE A 125 4.84 -9.72 -26.81
N LEU A 126 3.72 -9.88 -26.15
CA LEU A 126 3.45 -11.01 -25.31
C LEU A 126 3.39 -12.28 -26.15
N LYS A 127 2.76 -12.22 -27.31
CA LYS A 127 2.73 -13.35 -28.26
C LYS A 127 4.12 -13.76 -28.70
N ALA A 128 4.96 -12.80 -29.09
CA ALA A 128 6.34 -13.08 -29.58
C ALA A 128 7.22 -13.69 -28.47
N LEU A 129 6.97 -13.21 -27.26
CA LEU A 129 7.57 -13.72 -26.02
C LEU A 129 7.20 -15.16 -25.83
N VAL A 130 5.89 -15.47 -25.88
CA VAL A 130 5.42 -16.84 -25.79
C VAL A 130 6.04 -17.73 -26.86
N ASP A 131 6.08 -17.28 -28.10
CA ASP A 131 6.75 -18.00 -29.18
C ASP A 131 8.24 -18.23 -28.97
N ASN A 132 9.01 -17.19 -28.62
CA ASN A 132 10.48 -17.33 -28.36
C ASN A 132 10.78 -18.28 -27.19
N LEU A 133 9.96 -18.24 -26.15
CA LEU A 133 10.13 -19.14 -25.01
C LEU A 133 9.88 -20.58 -25.44
N TYR A 134 8.92 -20.76 -26.34
CA TYR A 134 8.68 -22.08 -26.91
C TYR A 134 9.84 -22.51 -27.87
N VAL A 135 10.26 -21.62 -28.77
CA VAL A 135 11.38 -21.97 -29.67
C VAL A 135 12.59 -22.45 -28.86
N GLU A 136 12.89 -21.72 -27.81
CA GLU A 136 14.10 -21.87 -27.05
C GLU A 136 14.05 -22.97 -26.03
N ASN A 137 12.84 -23.34 -25.64
CA ASN A 137 12.60 -24.26 -24.55
C ASN A 137 13.04 -23.64 -23.24
N HIS A 138 12.65 -22.39 -23.03
CA HIS A 138 12.94 -21.66 -21.83
C HIS A 138 11.65 -21.34 -21.03
N TYR A 139 11.82 -21.09 -19.74
CA TYR A 139 10.73 -20.55 -18.91
C TYR A 139 11.12 -19.13 -18.42
N LEU A 140 10.12 -18.30 -18.12
CA LEU A 140 10.39 -16.92 -17.73
C LEU A 140 9.62 -16.60 -16.47
N LEU A 141 10.34 -16.24 -15.44
CA LEU A 141 9.72 -15.81 -14.20
C LEU A 141 9.94 -14.28 -14.09
N VAL A 142 8.81 -13.56 -14.10
CA VAL A 142 8.80 -12.12 -14.14
C VAL A 142 8.50 -11.51 -12.75
N ILE A 143 9.42 -10.71 -12.22
CA ILE A 143 9.09 -9.89 -11.04
C ILE A 143 8.54 -8.54 -11.49
N LEU A 144 7.32 -8.20 -11.07
CA LEU A 144 6.81 -6.85 -11.26
C LEU A 144 6.75 -6.17 -9.92
N ASP A 145 7.79 -5.38 -9.66
CA ASP A 145 7.97 -4.55 -8.46
C ASP A 145 7.17 -3.25 -8.48
N GLU A 146 6.88 -2.74 -7.29
CA GLU A 146 6.05 -1.55 -7.13
C GLU A 146 4.77 -1.76 -7.93
N PHE A 147 4.17 -2.94 -7.77
CA PHE A 147 3.02 -3.37 -8.55
C PHE A 147 1.85 -2.43 -8.31
N GLN A 148 1.73 -1.93 -7.09
CA GLN A 148 0.64 -1.00 -6.76
C GLN A 148 0.58 0.17 -7.74
N SER A 149 1.72 0.63 -8.27
CA SER A 149 1.70 1.69 -9.29
C SER A 149 1.11 1.25 -10.64
N MET A 150 1.10 -0.05 -10.86
CA MET A 150 0.45 -0.57 -12.05
C MET A 150 -1.05 -0.55 -11.86
N LEU A 151 -1.54 -0.43 -10.62
CA LEU A 151 -2.99 -0.42 -10.33
C LEU A 151 -3.58 1.00 -10.30
N SER A 152 -2.78 1.99 -9.88
CA SER A 152 -3.23 3.39 -9.89
C SER A 152 -2.49 4.07 -11.06
N SER A 153 -3.01 3.83 -12.25
CA SER A 153 -2.38 4.24 -13.50
C SER A 153 -3.48 4.14 -14.54
N PRO A 154 -4.02 5.28 -14.97
CA PRO A 154 -5.01 5.29 -16.06
C PRO A 154 -4.45 4.77 -17.40
N ARG A 155 -3.14 4.93 -17.59
CA ARG A 155 -2.43 4.43 -18.76
C ARG A 155 -2.45 2.89 -18.90
N ILE A 156 -2.75 2.17 -17.82
CA ILE A 156 -2.88 0.71 -17.85
C ILE A 156 -4.31 0.33 -17.53
N ALA A 157 -4.91 -0.47 -18.41
CA ALA A 157 -6.32 -0.85 -18.31
C ALA A 157 -6.52 -2.22 -17.68
N ALA A 158 -7.55 -2.32 -16.85
CA ALA A 158 -7.91 -3.54 -16.15
C ALA A 158 -7.77 -4.77 -17.06
N GLU A 159 -8.34 -4.65 -18.25
CA GLU A 159 -8.40 -5.72 -19.22
C GLU A 159 -7.00 -6.20 -19.62
N ASP A 160 -6.04 -5.28 -19.67
CA ASP A 160 -4.64 -5.58 -19.97
C ASP A 160 -3.92 -6.41 -18.90
N LEU A 161 -4.02 -5.97 -17.65
CA LEU A 161 -3.47 -6.69 -16.52
C LEU A 161 -4.03 -8.10 -16.55
N TYR A 162 -5.29 -8.15 -16.92
CA TYR A 162 -6.02 -9.40 -17.02
C TYR A 162 -5.34 -10.35 -17.99
N THR A 163 -5.04 -9.87 -19.21
CA THR A 163 -4.41 -10.74 -20.20
C THR A 163 -2.98 -11.11 -19.79
N LEU A 164 -2.24 -10.11 -19.32
CA LEU A 164 -0.88 -10.32 -18.77
C LEU A 164 -0.84 -11.40 -17.71
N LEU A 165 -1.71 -11.29 -16.71
CA LEU A 165 -1.67 -12.15 -15.54
C LEU A 165 -2.44 -13.44 -15.79
N ARG A 166 -3.18 -13.46 -16.89
CA ARG A 166 -3.83 -14.69 -17.35
C ARG A 166 -3.38 -15.07 -18.76
N VAL A 167 -2.10 -14.82 -19.05
CA VAL A 167 -1.51 -15.01 -20.36
C VAL A 167 -1.72 -16.40 -21.03
N HIS A 168 -1.59 -17.46 -20.27
CA HIS A 168 -1.76 -18.82 -20.81
C HIS A 168 -3.19 -19.25 -21.15
N GLU A 169 -4.18 -18.43 -20.76
CA GLU A 169 -5.58 -18.59 -21.16
C GLU A 169 -5.87 -17.73 -22.38
N GLU A 170 -5.17 -16.60 -22.50
CA GLU A 170 -5.38 -15.68 -23.62
C GLU A 170 -4.45 -15.99 -24.80
N ILE A 171 -3.22 -16.38 -24.48
CA ILE A 171 -2.21 -16.64 -25.51
C ILE A 171 -1.61 -18.00 -25.28
N PRO A 172 -2.24 -19.04 -25.83
CA PRO A 172 -1.75 -20.43 -25.69
C PRO A 172 -0.47 -20.61 -26.47
N SER A 173 0.43 -21.44 -25.96
CA SER A 173 1.64 -21.79 -26.67
C SER A 173 1.35 -22.84 -27.75
N ARG A 174 2.29 -23.02 -28.69
CA ARG A 174 2.18 -23.97 -29.78
C ARG A 174 2.05 -25.39 -29.28
N ASP A 175 2.81 -25.74 -28.24
CA ASP A 175 2.77 -27.07 -27.64
C ASP A 175 1.97 -27.17 -26.33
N GLY A 176 1.28 -26.11 -25.92
CA GLY A 176 0.51 -26.11 -24.67
C GLY A 176 1.28 -26.12 -23.36
N VAL A 177 2.58 -25.82 -23.42
CA VAL A 177 3.41 -25.69 -22.23
C VAL A 177 3.38 -24.19 -21.77
N ASN A 178 2.80 -23.95 -20.59
CA ASN A 178 2.81 -22.63 -19.94
C ASN A 178 4.25 -22.27 -19.50
N ARG A 179 4.76 -21.12 -19.93
CA ARG A 179 6.18 -20.82 -19.68
C ARG A 179 6.47 -19.47 -19.03
N ILE A 180 5.44 -18.85 -18.45
CA ILE A 180 5.59 -17.53 -17.82
C ILE A 180 4.89 -17.52 -16.46
N GLY A 181 5.64 -17.22 -15.41
CA GLY A 181 5.03 -17.00 -14.10
C GLY A 181 5.36 -15.61 -13.59
N PHE A 182 4.76 -15.23 -12.47
CA PHE A 182 4.84 -13.88 -11.98
C PHE A 182 5.04 -13.81 -10.50
N LEU A 183 5.85 -12.87 -10.08
CA LEU A 183 5.99 -12.55 -8.68
C LEU A 183 5.72 -11.06 -8.61
N LEU A 184 4.57 -10.69 -8.05
CA LEU A 184 4.23 -9.25 -7.95
C LEU A 184 4.77 -8.76 -6.62
N VAL A 185 5.34 -7.57 -6.59
CA VAL A 185 5.79 -7.01 -5.30
C VAL A 185 5.14 -5.65 -5.14
N ALA A 186 4.35 -5.46 -4.05
CA ALA A 186 3.60 -4.23 -3.81
C ALA A 186 3.99 -3.64 -2.48
N SER A 187 3.74 -2.34 -2.27
CA SER A 187 4.24 -1.74 -1.02
C SER A 187 3.50 -2.19 0.23
N ASP A 188 2.23 -2.54 0.08
CA ASP A 188 1.41 -2.91 1.20
C ASP A 188 0.06 -3.51 0.74
N VAL A 189 -0.71 -3.98 1.71
CA VAL A 189 -2.02 -4.62 1.54
C VAL A 189 -3.07 -3.86 0.65
N ARG A 190 -3.00 -2.53 0.59
CA ARG A 190 -3.98 -1.71 -0.17
C ARG A 190 -4.01 -2.13 -1.64
N ALA A 191 -2.87 -2.55 -2.16
CA ALA A 191 -2.81 -3.13 -3.51
C ALA A 191 -3.78 -4.31 -3.65
N LEU A 192 -3.81 -5.17 -2.65
CA LEU A 192 -4.72 -6.30 -2.64
C LEU A 192 -6.17 -5.82 -2.48
N SER A 193 -6.40 -4.92 -1.51
CA SER A 193 -7.74 -4.37 -1.26
C SER A 193 -8.30 -3.79 -2.53
N TYR A 194 -7.46 -3.07 -3.25
CA TYR A 194 -7.82 -2.45 -4.52
C TYR A 194 -8.18 -3.46 -5.61
N MET A 195 -7.26 -4.39 -5.89
CA MET A 195 -7.52 -5.51 -6.80
C MET A 195 -8.82 -6.27 -6.50
N ARG A 196 -9.17 -6.50 -5.22
CA ARG A 196 -10.39 -7.22 -4.84
C ARG A 196 -11.62 -6.43 -5.24
N GLU A 197 -11.59 -5.13 -4.99
CA GLU A 197 -12.73 -4.28 -5.24
C GLU A 197 -12.87 -3.90 -6.71
N LYS A 198 -11.76 -3.77 -7.43
CA LYS A 198 -11.81 -3.30 -8.82
C LYS A 198 -11.69 -4.40 -9.86
N ILE A 199 -10.81 -5.38 -9.62
CA ILE A 199 -10.55 -6.48 -10.56
C ILE A 199 -10.45 -7.89 -9.94
N PRO A 200 -11.48 -8.36 -9.24
CA PRO A 200 -11.40 -9.62 -8.49
C PRO A 200 -11.10 -10.85 -9.35
N GLN A 201 -11.27 -10.76 -10.68
CA GLN A 201 -10.90 -11.85 -11.59
C GLN A 201 -9.40 -11.94 -11.84
N VAL A 202 -8.68 -10.84 -11.62
CA VAL A 202 -7.22 -10.92 -11.61
C VAL A 202 -6.68 -11.27 -10.23
N GLU A 203 -7.20 -10.61 -9.18
CA GLU A 203 -6.83 -10.88 -7.79
C GLU A 203 -6.92 -12.36 -7.45
N SER A 204 -7.98 -13.03 -7.92
CA SER A 204 -8.21 -14.45 -7.69
C SER A 204 -7.13 -15.34 -8.31
N GLN A 205 -6.34 -14.81 -9.26
CA GLN A 205 -5.21 -15.56 -9.84
C GLN A 205 -4.01 -15.71 -8.88
N ILE A 206 -4.02 -14.94 -7.81
CA ILE A 206 -2.88 -14.92 -6.89
C ILE A 206 -2.96 -16.05 -5.91
N GLY A 207 -2.06 -17.00 -6.02
CA GLY A 207 -2.18 -18.20 -5.21
C GLY A 207 -1.66 -18.03 -3.80
N PHE A 208 -0.62 -17.25 -3.65
CA PHE A 208 0.08 -17.11 -2.37
C PHE A 208 0.51 -15.67 -2.17
N LYS A 209 0.11 -15.15 -1.02
CA LYS A 209 0.33 -13.77 -0.64
C LYS A 209 1.24 -13.83 0.57
N LEU A 210 2.31 -13.07 0.52
CA LEU A 210 3.27 -13.09 1.61
C LEU A 210 3.49 -11.68 2.16
N HIS A 211 3.19 -11.51 3.45
CA HIS A 211 3.31 -10.22 4.11
C HIS A 211 4.65 -10.14 4.86
N LEU A 212 5.50 -9.19 4.47
CA LEU A 212 6.78 -8.98 5.14
C LEU A 212 6.66 -7.91 6.22
N PRO A 213 6.89 -8.24 7.49
CA PRO A 213 6.84 -7.19 8.49
C PRO A 213 8.25 -6.56 8.62
N ALA A 214 8.30 -5.46 9.37
CA ALA A 214 9.53 -4.82 9.69
C ALA A 214 10.36 -5.73 10.62
N TYR A 215 11.68 -5.56 10.56
CA TYR A 215 12.62 -6.41 11.26
C TYR A 215 12.82 -6.10 12.75
N LYS A 216 12.81 -7.15 13.55
CA LYS A 216 13.21 -7.06 14.97
C LYS A 216 14.73 -6.95 15.09
N SER A 217 15.21 -6.57 16.28
CA SER A 217 16.63 -6.30 16.45
C SER A 217 17.52 -7.51 16.20
N ARG A 218 17.06 -8.67 16.66
CA ARG A 218 17.72 -9.95 16.46
C ARG A 218 17.95 -10.26 14.95
N GLU A 219 16.90 -10.00 14.15
CA GLU A 219 17.00 -10.15 12.68
C GLU A 219 17.94 -9.17 12.05
N LEU A 220 17.88 -7.91 12.46
CA LEU A 220 18.81 -6.91 11.98
C LEU A 220 20.22 -7.30 12.34
N TYR A 221 20.41 -7.90 13.51
CA TYR A 221 21.71 -8.30 13.93
C TYR A 221 22.24 -9.37 12.97
N THR A 222 21.44 -10.40 12.75
CA THR A 222 21.76 -11.40 11.76
C THR A 222 22.05 -10.80 10.40
N ILE A 223 21.27 -9.81 10.00
CA ILE A 223 21.52 -9.19 8.68
C ILE A 223 22.84 -8.41 8.61
N LEU A 224 23.18 -7.69 9.67
CA LEU A 224 24.40 -6.92 9.71
C LEU A 224 25.62 -7.85 9.79
N GLU A 225 25.44 -8.95 10.49
CA GLU A 225 26.54 -9.87 10.68
C GLU A 225 27.00 -10.52 9.37
N GLN A 226 26.04 -10.92 8.53
CA GLN A 226 26.26 -11.35 7.17
C GLN A 226 26.88 -10.25 6.28
N ARG A 227 26.41 -9.00 6.36
CA ARG A 227 27.12 -7.94 5.63
C ARG A 227 28.60 -7.76 6.11
N ALA A 228 28.82 -7.73 7.40
CA ALA A 228 30.21 -7.64 7.89
C ALA A 228 31.09 -8.78 7.32
N GLU A 229 30.67 -10.02 7.53
CA GLU A 229 31.37 -11.22 7.04
C GLU A 229 31.74 -11.22 5.58
N LEU A 230 30.82 -10.83 4.70
CA LEU A 230 31.05 -10.74 3.27
C LEU A 230 31.76 -9.46 2.86
N GLY A 231 31.60 -8.40 3.64
CA GLY A 231 31.90 -7.07 3.12
C GLY A 231 33.03 -6.39 3.85
N LEU A 232 33.19 -6.71 5.12
CA LEU A 232 34.21 -6.09 5.95
C LEU A 232 35.38 -7.05 6.16
N ARG A 233 36.56 -6.51 6.39
CA ARG A 233 37.73 -7.31 6.75
C ARG A 233 37.50 -7.82 8.15
N ASP A 234 37.94 -9.05 8.42
CA ASP A 234 37.58 -9.75 9.65
C ASP A 234 38.01 -9.10 10.93
N THR A 235 39.00 -8.22 10.85
CA THR A 235 39.59 -7.58 12.06
C THR A 235 38.84 -6.28 12.44
N VAL A 236 38.06 -5.81 11.49
CA VAL A 236 37.48 -4.49 11.52
C VAL A 236 36.32 -4.36 12.50
N TRP A 237 35.63 -5.46 12.78
CA TRP A 237 34.36 -5.38 13.50
C TRP A 237 34.24 -6.38 14.62
N GLU A 238 33.34 -6.08 15.52
CA GLU A 238 33.03 -6.89 16.65
C GLU A 238 31.50 -6.97 16.73
N PRO A 239 30.94 -8.09 17.22
CA PRO A 239 29.50 -8.19 17.47
C PRO A 239 28.85 -6.95 18.06
N ARG A 240 29.44 -6.35 19.08
CA ARG A 240 28.81 -5.25 19.84
C ARG A 240 28.61 -4.03 19.00
N HIS A 241 29.54 -3.80 18.06
CA HIS A 241 29.45 -2.72 17.11
C HIS A 241 28.10 -2.84 16.39
N LEU A 242 27.79 -4.06 15.92
CA LEU A 242 26.56 -4.29 15.16
C LEU A 242 25.30 -4.22 16.05
N GLU A 243 25.46 -4.60 17.32
CA GLU A 243 24.35 -4.58 18.27
C GLU A 243 23.86 -3.18 18.47
N LEU A 244 24.79 -2.25 18.47
CA LEU A 244 24.53 -0.83 18.62
C LEU A 244 23.57 -0.31 17.55
N ILE A 245 23.56 -0.94 16.38
CA ILE A 245 22.74 -0.49 15.29
C ILE A 245 21.39 -1.16 15.46
N SER A 246 21.44 -2.49 15.53
CA SER A 246 20.23 -3.31 15.65
C SER A 246 19.39 -3.00 16.89
N ASP A 247 20.02 -2.68 18.02
CA ASP A 247 19.29 -2.29 19.24
C ASP A 247 18.49 -1.03 19.08
N VAL A 248 18.96 -0.11 18.25
CA VAL A 248 18.22 1.13 17.99
C VAL A 248 17.18 0.93 16.89
N TYR A 249 17.55 0.25 15.78
CA TYR A 249 16.62 0.16 14.61
C TYR A 249 15.51 -0.89 14.71
N GLY A 250 15.74 -1.91 15.56
CA GLY A 250 14.78 -2.97 15.75
C GLY A 250 13.36 -2.44 16.02
N GLU A 251 12.35 -3.02 15.38
CA GLU A 251 10.98 -2.55 15.52
C GLU A 251 10.43 -2.94 16.87
N ASP A 252 10.95 -4.02 17.44
CA ASP A 252 10.66 -4.36 18.85
C ASP A 252 11.28 -3.36 19.86
N LYS A 253 12.25 -2.58 19.42
CA LYS A 253 12.86 -1.58 20.30
C LYS A 253 12.40 -0.19 19.99
N GLY A 254 11.33 0.00 19.22
CA GLY A 254 10.86 1.34 18.90
C GLY A 254 11.35 1.94 17.61
N GLY A 255 12.17 1.20 16.86
CA GLY A 255 12.67 1.65 15.57
C GLY A 255 11.83 1.24 14.37
N ASP A 256 12.10 1.90 13.24
CA ASP A 256 11.87 1.51 11.84
C ASP A 256 11.74 0.01 11.50
N GLY A 257 12.66 -0.78 12.04
CA GLY A 257 12.91 -2.12 11.61
C GLY A 257 13.38 -2.21 10.17
N SER A 258 14.04 -1.16 9.69
CA SER A 258 14.48 -1.11 8.30
C SER A 258 15.91 -1.66 8.14
N ALA A 259 16.05 -2.73 7.38
CA ALA A 259 17.38 -3.25 7.07
C ALA A 259 18.24 -2.31 6.20
N ARG A 260 17.61 -1.58 5.31
CA ARG A 260 18.32 -0.55 4.54
C ARG A 260 19.02 0.43 5.47
N ARG A 261 18.28 0.96 6.44
CA ARG A 261 18.82 1.94 7.36
C ARG A 261 19.94 1.36 8.20
N ALA A 262 19.80 0.10 8.62
CA ALA A 262 20.80 -0.54 9.45
C ALA A 262 22.13 -0.72 8.69
N ILE A 263 22.02 -1.22 7.46
CA ILE A 263 23.15 -1.46 6.60
C ILE A 263 23.89 -0.17 6.23
N VAL A 264 23.16 0.89 5.98
CA VAL A 264 23.73 2.19 5.61
C VAL A 264 24.50 2.76 6.82
N ALA A 265 23.92 2.65 8.01
CA ALA A 265 24.64 2.96 9.25
C ALA A 265 25.99 2.26 9.37
N LEU A 266 26.02 0.96 9.11
CA LEU A 266 27.23 0.17 9.24
C LEU A 266 28.23 0.65 8.17
N LYS A 267 27.72 0.83 6.94
CA LYS A 267 28.52 1.44 5.89
C LYS A 267 29.21 2.71 6.34
N MET A 268 28.39 3.65 6.80
CA MET A 268 28.83 4.99 7.22
C MET A 268 29.87 4.89 8.31
N ALA A 269 29.60 4.05 9.31
CA ALA A 269 30.52 3.89 10.41
C ALA A 269 31.87 3.46 9.87
N CYS A 270 31.88 2.56 8.90
CA CYS A 270 33.13 2.11 8.29
C CYS A 270 33.90 3.21 7.53
N GLU A 271 33.18 3.98 6.74
CA GLU A 271 33.80 5.11 6.05
C GLU A 271 34.26 6.24 6.97
N MET A 272 33.56 6.42 8.09
CA MET A 272 33.96 7.33 9.16
C MET A 272 35.28 6.91 9.80
N ALA A 273 35.45 5.60 10.00
CA ALA A 273 36.74 5.03 10.47
C ALA A 273 37.88 5.26 9.47
N GLU A 274 37.66 4.86 8.21
CA GLU A 274 38.63 5.10 7.14
C GLU A 274 39.07 6.58 7.11
N ALA A 275 38.09 7.48 7.00
CA ALA A 275 38.36 8.91 6.88
C ALA A 275 39.25 9.45 8.00
N MET A 276 39.18 8.85 9.18
CA MET A 276 40.02 9.23 10.32
C MET A 276 41.41 8.57 10.31
N GLY A 277 41.65 7.60 9.42
CA GLY A 277 42.86 6.78 9.48
C GLY A 277 42.77 5.55 10.36
N ARG A 278 41.65 5.30 11.03
CA ARG A 278 41.48 4.06 11.81
C ARG A 278 41.47 2.83 10.86
N ASP A 279 41.77 1.64 11.35
CA ASP A 279 41.59 0.44 10.54
C ASP A 279 40.67 -0.59 11.19
N SER A 280 39.94 -0.13 12.22
CA SER A 280 38.86 -0.91 12.79
C SER A 280 37.74 0.06 13.23
N LEU A 281 36.55 -0.49 13.50
CA LEU A 281 35.47 0.30 14.05
C LEU A 281 35.72 0.59 15.52
N SER A 282 35.06 1.64 15.99
CA SER A 282 34.93 1.85 17.42
C SER A 282 33.45 2.11 17.70
N GLU A 283 33.03 1.94 18.95
CA GLU A 283 31.68 2.22 19.32
C GLU A 283 31.20 3.64 19.07
N ASP A 284 32.08 4.63 19.30
CA ASP A 284 31.79 6.04 19.03
C ASP A 284 31.38 6.27 17.57
N LEU A 285 32.11 5.66 16.66
CA LEU A 285 31.87 5.85 15.23
C LEU A 285 30.55 5.22 14.81
N VAL A 286 30.26 4.03 15.33
CA VAL A 286 29.00 3.35 15.08
C VAL A 286 27.87 4.19 15.63
N ARG A 287 27.99 4.61 16.89
CA ARG A 287 26.95 5.43 17.50
C ARG A 287 26.79 6.75 16.78
N LYS A 288 27.90 7.38 16.44
CA LYS A 288 27.88 8.50 15.54
C LYS A 288 27.06 8.22 14.27
N ALA A 289 27.32 7.08 13.63
CA ALA A 289 26.68 6.78 12.34
C ALA A 289 25.17 6.67 12.53
N VAL A 290 24.75 6.11 13.65
CA VAL A 290 23.35 5.85 13.93
C VAL A 290 22.60 7.17 14.11
N SER A 291 23.32 8.17 14.60
CA SER A 291 22.72 9.44 14.96
C SER A 291 22.68 10.45 13.83
N GLU A 292 23.53 10.28 12.80
CA GLU A 292 23.49 11.11 11.56
C GLU A 292 22.65 10.43 10.46
N ASN A 293 22.39 9.15 10.64
CA ASN A 293 21.64 8.40 9.67
C ASN A 293 20.23 8.88 9.79
N ALA A 296 14.95 8.96 8.08
CA ALA A 296 13.78 8.13 8.40
C ALA A 296 12.54 8.55 7.59
N SER A 297 12.06 7.62 6.77
CA SER A 297 11.01 7.87 5.79
C SER A 297 9.64 8.41 6.30
N ILE A 298 9.34 9.66 5.93
CA ILE A 298 7.96 10.19 5.91
C ILE A 298 7.56 10.60 4.48
N GLN A 299 6.57 9.87 3.97
CA GLN A 299 6.18 9.98 2.58
C GLN A 299 5.07 11.02 2.48
N THR A 300 5.42 12.21 1.99
CA THR A 300 4.52 13.35 1.95
C THR A 300 3.30 13.13 1.03
N HIS A 301 3.50 12.29 0.01
CA HIS A 301 2.42 12.01 -0.94
C HIS A 301 1.26 11.25 -0.30
N GLU A 302 1.59 10.48 0.75
CA GLU A 302 0.62 9.76 1.57
C GLU A 302 -0.20 10.77 2.40
N LEU A 303 0.48 11.74 3.01
CA LEU A 303 -0.18 12.78 3.80
C LEU A 303 -1.03 13.71 2.96
N GLU A 304 -0.47 14.13 1.82
CA GLU A 304 -1.14 14.97 0.82
C GLU A 304 -2.45 14.37 0.35
N ALA A 305 -2.54 13.05 0.36
CA ALA A 305 -3.77 12.34 0.01
C ALA A 305 -4.84 12.45 1.10
N LEU A 306 -4.44 12.87 2.29
CA LEU A 306 -5.38 12.93 3.41
C LEU A 306 -6.14 14.26 3.41
N SER A 307 -7.41 14.23 3.78
CA SER A 307 -8.20 15.43 4.07
C SER A 307 -7.71 16.24 5.30
N ILE A 308 -7.97 17.54 5.27
CA ILE A 308 -7.54 18.50 6.28
C ILE A 308 -7.85 18.00 7.68
N HIS A 309 -8.99 17.32 7.76
CA HIS A 309 -9.53 16.94 9.03
C HIS A 309 -8.82 15.77 9.65
N GLU A 310 -8.47 14.79 8.82
CA GLU A 310 -7.53 13.74 9.23
C GLU A 310 -6.20 14.33 9.64
N LEU A 311 -5.71 15.29 8.88
CA LEU A 311 -4.42 15.93 9.12
C LEU A 311 -4.41 16.68 10.47
N ILE A 312 -5.51 17.35 10.79
CA ILE A 312 -5.66 17.99 12.10
C ILE A 312 -5.59 16.97 13.28
N ILE A 313 -6.22 15.83 13.11
CA ILE A 313 -6.25 14.77 14.11
C ILE A 313 -4.88 14.10 14.24
N LEU A 314 -4.27 13.81 13.10
CA LEU A 314 -2.90 13.32 13.10
C LEU A 314 -1.94 14.25 13.86
N ARG A 315 -2.03 15.53 13.58
CA ARG A 315 -1.23 16.54 14.26
C ARG A 315 -1.41 16.48 15.78
N LEU A 316 -2.65 16.39 16.21
CA LEU A 316 -2.95 16.43 17.62
C LEU A 316 -2.40 15.19 18.34
N ILE A 317 -2.58 14.03 17.71
CA ILE A 317 -2.04 12.78 18.22
C ILE A 317 -0.52 12.87 18.28
N ALA A 318 0.09 13.47 17.26
CA ALA A 318 1.55 13.69 17.26
C ALA A 318 2.03 14.60 18.40
N GLU A 319 1.42 15.77 18.58
CA GLU A 319 1.85 16.62 19.71
C GLU A 319 1.66 16.02 21.11
N ALA A 320 0.64 15.19 21.30
CA ALA A 320 0.48 14.51 22.57
C ALA A 320 1.67 13.57 22.84
N THR A 321 2.33 13.15 21.76
CA THR A 321 3.46 12.24 21.85
C THR A 321 4.75 12.99 22.17
N LEU A 322 4.97 14.09 21.44
CA LEU A 322 6.12 14.96 21.61
C LEU A 322 6.29 15.52 23.04
N GLY A 323 5.17 15.75 23.73
CA GLY A 323 5.20 16.18 25.12
C GLY A 323 5.19 15.08 26.19
N GLY A 324 5.83 13.95 25.90
CA GLY A 324 6.02 12.87 26.87
C GLY A 324 4.80 12.13 27.40
N MET A 325 3.63 12.41 26.82
CA MET A 325 2.39 11.75 27.24
C MET A 325 1.88 10.87 26.09
N GLU A 326 2.69 9.86 25.76
CA GLU A 326 2.34 8.88 24.73
C GLU A 326 1.10 8.07 25.17
N TRP A 327 0.07 8.10 24.31
CA TRP A 327 -1.28 7.53 24.56
C TRP A 327 -2.22 8.62 25.03
N ILE A 328 -3.18 9.01 24.17
CA ILE A 328 -4.22 10.00 24.49
C ILE A 328 -5.62 9.38 24.34
N ASN A 329 -6.50 9.63 25.30
CA ASN A 329 -7.78 8.95 25.28
C ASN A 329 -8.74 9.62 24.35
N ALA A 330 -9.70 8.83 23.87
CA ALA A 330 -10.69 9.26 22.89
C ALA A 330 -11.34 10.58 23.27
N GLY A 331 -11.71 10.69 24.55
CA GLY A 331 -12.41 11.85 25.07
C GLY A 331 -11.66 13.13 24.90
N LEU A 332 -10.46 13.18 25.47
CA LEU A 332 -9.54 14.31 25.32
C LEU A 332 -9.22 14.62 23.83
N LEU A 333 -8.97 13.59 23.02
CA LEU A 333 -8.66 13.80 21.62
C LEU A 333 -9.76 14.62 20.94
N ARG A 334 -11.01 14.15 21.08
CA ARG A 334 -12.19 14.82 20.59
C ARG A 334 -12.25 16.28 21.07
N GLN A 335 -12.03 16.49 22.37
CA GLN A 335 -12.03 17.84 22.95
C GLN A 335 -11.03 18.75 22.24
N ARG A 336 -9.77 18.31 22.22
CA ARG A 336 -8.70 19.02 21.52
C ARG A 336 -8.96 19.21 20.02
N TYR A 337 -9.65 18.25 19.40
CA TYR A 337 -9.95 18.32 17.98
C TYR A 337 -10.95 19.45 17.72
N GLU A 338 -12.01 19.50 18.51
CA GLU A 338 -13.01 20.56 18.44
C GLU A 338 -12.37 21.91 18.73
N ASP A 339 -11.67 21.98 19.86
CA ASP A 339 -10.85 23.12 20.24
C ASP A 339 -9.95 23.53 19.05
N ALA A 340 -9.17 22.60 18.52
CA ALA A 340 -8.15 22.92 17.51
C ALA A 340 -8.68 23.35 16.14
N SER A 341 -9.74 22.71 15.65
CA SER A 341 -10.26 23.07 14.32
C SER A 341 -10.67 24.53 14.29
N LEU A 342 -11.57 24.91 15.19
CA LEU A 342 -12.11 26.26 15.31
C LEU A 342 -11.01 27.30 15.47
N THR A 343 -10.27 27.22 16.57
CA THR A 343 -9.28 28.25 16.90
C THR A 343 -8.03 28.27 16.02
N MET A 344 -7.28 27.16 15.96
CA MET A 344 -6.06 27.10 15.14
C MET A 344 -6.29 27.08 13.65
N TYR A 345 -7.39 26.46 13.20
CA TYR A 345 -7.56 26.22 11.76
C TYR A 345 -8.71 26.94 11.06
N ASN A 346 -9.55 27.63 11.83
CA ASN A 346 -10.76 28.31 11.33
C ASN A 346 -11.65 27.44 10.39
N VAL A 347 -11.86 26.18 10.78
CA VAL A 347 -12.81 25.29 10.13
C VAL A 347 -13.75 24.72 11.20
N LYS A 348 -15.02 24.49 10.88
CA LYS A 348 -15.91 23.93 11.90
C LYS A 348 -15.65 22.40 12.09
N PRO A 349 -15.59 21.95 13.34
CA PRO A 349 -15.30 20.53 13.63
C PRO A 349 -16.36 19.62 13.03
N ARG A 350 -15.93 18.54 12.38
CA ARG A 350 -16.81 17.52 11.84
C ARG A 350 -17.49 16.71 12.95
N GLY A 351 -18.68 16.19 12.66
CA GLY A 351 -19.46 15.44 13.63
C GLY A 351 -18.82 14.11 14.02
N TYR A 352 -19.32 13.51 15.08
CA TYR A 352 -18.78 12.28 15.60
C TYR A 352 -18.58 11.15 14.56
N THR A 353 -19.60 10.91 13.75
CA THR A 353 -19.64 9.87 12.74
C THR A 353 -18.47 10.01 11.75
N GLN A 354 -18.32 11.20 11.17
CA GLN A 354 -17.24 11.46 10.25
C GLN A 354 -15.90 11.37 10.97
N TYR A 355 -15.86 11.83 12.21
CA TYR A 355 -14.67 11.82 13.06
C TYR A 355 -14.04 10.46 13.25
N HIS A 356 -14.91 9.48 13.52
CA HIS A 356 -14.55 8.08 13.77
C HIS A 356 -14.04 7.38 12.55
N ILE A 357 -14.59 7.74 11.38
CA ILE A 357 -14.11 7.25 10.09
C ILE A 357 -12.64 7.72 9.89
N TYR A 358 -12.40 9.02 10.12
CA TYR A 358 -11.07 9.62 10.10
C TYR A 358 -10.04 8.93 11.00
N LEU A 359 -10.42 8.62 12.24
CA LEU A 359 -9.53 7.96 13.19
C LEU A 359 -9.19 6.55 12.74
N LYS A 360 -10.22 5.83 12.33
CA LYS A 360 -10.06 4.51 11.72
C LYS A 360 -9.06 4.51 10.57
N HIS A 361 -9.26 5.40 9.62
CA HIS A 361 -8.40 5.49 8.46
C HIS A 361 -6.94 5.73 8.82
N LEU A 362 -6.69 6.64 9.77
CA LEU A 362 -5.35 6.91 10.27
C LEU A 362 -4.76 5.64 10.81
N THR A 363 -5.57 4.87 11.52
CA THR A 363 -5.11 3.63 12.10
C THR A 363 -4.72 2.62 11.02
N SER A 364 -5.57 2.48 10.02
CA SER A 364 -5.33 1.52 8.94
C SER A 364 -4.15 1.91 8.09
N LEU A 365 -3.76 3.18 8.14
CA LEU A 365 -2.60 3.64 7.37
C LEU A 365 -1.35 3.39 8.18
N GLY A 366 -1.53 2.83 9.37
CA GLY A 366 -0.44 2.55 10.29
C GLY A 366 0.18 3.77 10.93
N LEU A 367 -0.46 4.92 10.79
CA LEU A 367 0.10 6.17 11.31
C LEU A 367 -0.10 6.29 12.82
N VAL A 368 -1.16 5.67 13.31
CA VAL A 368 -1.53 5.76 14.71
C VAL A 368 -1.91 4.38 15.21
N ASP A 369 -1.46 4.01 16.41
CA ASP A 369 -2.01 2.80 17.03
C ASP A 369 -3.19 3.15 17.93
N ALA A 370 -4.16 2.23 17.94
CA ALA A 370 -5.36 2.31 18.76
C ALA A 370 -5.43 1.07 19.65
N LYS A 371 -5.76 1.28 20.92
CA LYS A 371 -5.92 0.21 21.90
C LYS A 371 -7.03 0.63 22.90
N PRO A 372 -7.89 -0.31 23.29
CA PRO A 372 -8.89 -0.03 24.33
C PRO A 372 -8.29 -0.06 25.73
N SER A 373 -8.91 0.65 26.69
CA SER A 373 -8.57 0.65 28.12
C SER A 373 -7.05 0.59 28.41
N THR A 381 -12.70 5.52 26.00
CA THR A 381 -12.18 4.17 26.30
C THR A 381 -11.16 3.66 25.26
N THR A 382 -10.92 4.42 24.18
CA THR A 382 -9.86 4.06 23.24
C THR A 382 -8.67 4.95 23.47
N LEU A 383 -7.49 4.36 23.43
CA LEU A 383 -6.24 5.10 23.54
C LEU A 383 -5.60 5.14 22.15
N PHE A 384 -4.95 6.25 21.82
CA PHE A 384 -4.34 6.45 20.52
C PHE A 384 -2.96 6.99 20.71
N ARG A 385 -2.03 6.57 19.85
CA ARG A 385 -0.69 7.15 19.85
C ARG A 385 -0.12 7.29 18.41
N LEU A 386 0.80 8.20 18.21
CA LEU A 386 1.58 8.16 16.99
C LEU A 386 2.37 6.86 16.95
N ALA A 387 2.48 6.27 15.77
CA ALA A 387 3.38 5.13 15.56
C ALA A 387 4.76 5.50 16.09
N PRO A 388 5.28 4.75 17.05
CA PRO A 388 6.54 5.12 17.71
C PRO A 388 7.74 5.42 16.76
N HIS A 389 7.74 4.83 15.57
CA HIS A 389 8.84 4.97 14.63
C HIS A 389 8.82 6.30 13.87
N LEU A 390 7.69 6.98 13.91
CA LEU A 390 7.48 8.27 13.24
C LEU A 390 8.12 9.39 14.00
N PRO A 391 8.93 10.21 13.32
CA PRO A 391 9.52 11.39 13.98
C PRO A 391 8.46 12.47 14.17
N ALA A 392 8.10 12.72 15.43
CA ALA A 392 6.91 13.52 15.71
C ALA A 392 6.98 14.98 15.30
N ASP A 393 8.15 15.61 15.46
CA ASP A 393 8.29 17.03 15.09
C ASP A 393 8.45 17.27 13.57
N ARG A 394 9.11 16.33 12.90
CA ARG A 394 9.24 16.37 11.44
C ARG A 394 7.84 16.26 10.83
N LEU A 395 7.03 15.35 11.37
CA LEU A 395 5.64 15.14 10.94
C LEU A 395 4.70 16.35 11.20
N ILE A 396 4.66 16.83 12.45
CA ILE A 396 3.94 18.09 12.77
C ILE A 396 4.25 19.17 11.72
N GLU A 397 5.54 19.41 11.48
CA GLU A 397 5.97 20.35 10.45
C GLU A 397 5.27 20.05 9.12
N VAL A 398 5.52 18.86 8.55
CA VAL A 398 4.99 18.47 7.24
C VAL A 398 3.48 18.66 7.19
N VAL A 399 2.82 18.16 8.22
CA VAL A 399 1.37 18.19 8.30
C VAL A 399 0.83 19.60 8.27
N ASP A 400 1.44 20.51 9.04
CA ASP A 400 0.96 21.90 9.07
C ASP A 400 0.92 22.54 7.68
N ASN A 401 2.03 22.40 6.92
CA ASN A 401 2.14 22.96 5.57
C ASN A 401 1.09 22.38 4.61
N ILE A 402 0.72 21.13 4.82
CA ILE A 402 -0.23 20.47 3.94
C ILE A 402 -1.61 20.99 4.25
N ILE A 403 -1.87 21.25 5.52
CA ILE A 403 -3.15 21.81 5.87
C ILE A 403 -3.28 23.21 5.27
N GLN A 404 -2.23 24.02 5.42
CA GLN A 404 -2.21 25.36 4.83
C GLN A 404 -2.50 25.29 3.31
N ALA A 405 -1.77 24.44 2.59
CA ALA A 405 -1.93 24.30 1.14
C ALA A 405 -3.33 23.87 0.71
N LYS A 406 -3.93 22.88 1.40
CA LYS A 406 -5.29 22.44 1.12
C LYS A 406 -6.33 23.54 1.37
N MET A 407 -6.17 24.29 2.45
CA MET A 407 -7.08 25.39 2.75
C MET A 407 -7.06 26.48 1.69
N ALA A 408 -5.86 26.92 1.32
CA ALA A 408 -5.63 27.96 0.32
C ALA A 408 -6.35 27.60 -0.98
N SER A 409 -6.41 26.31 -1.22
CA SER A 409 -6.99 25.75 -2.41
C SER A 409 -8.49 25.40 -2.25
N GLY A 410 -9.24 25.69 -1.30
N GLY B 7 9.05 39.05 20.99
CA GLY B 7 10.49 39.24 20.63
C GLY B 7 10.79 40.24 19.52
N LEU B 8 11.33 39.74 18.40
CA LEU B 8 11.78 40.56 17.26
C LEU B 8 10.68 40.84 16.23
N PHE B 9 9.64 40.01 16.23
CA PHE B 9 8.59 40.06 15.21
C PHE B 9 7.51 41.03 15.64
N LYS B 10 6.97 41.83 14.73
CA LYS B 10 5.78 42.57 15.08
C LYS B 10 4.58 41.89 14.48
N ASP B 11 4.83 40.98 13.52
CA ASP B 11 3.82 40.07 12.97
C ASP B 11 4.44 38.89 12.22
N ARG B 12 4.57 37.76 12.93
CA ARG B 12 5.15 36.52 12.39
C ARG B 12 4.48 35.90 11.14
N ARG B 13 3.21 36.25 10.89
CA ARG B 13 2.47 35.69 9.76
C ARG B 13 2.96 36.22 8.39
N VAL B 14 3.59 37.39 8.39
CA VAL B 14 4.27 38.01 7.25
C VAL B 14 5.33 37.09 6.67
N PHE B 15 5.78 36.12 7.45
CA PHE B 15 6.83 35.18 7.00
C PHE B 15 6.31 33.84 6.55
N ASP B 16 5.01 33.61 6.78
CA ASP B 16 4.38 32.39 6.31
C ASP B 16 4.30 32.35 4.75
N GLU B 17 4.31 31.14 4.21
CA GLU B 17 4.46 30.86 2.78
C GLU B 17 3.35 31.42 1.91
N ASN B 18 2.13 31.47 2.44
CA ASN B 18 1.10 32.10 1.63
C ASN B 18 0.65 33.42 2.15
N TYR B 19 1.54 34.12 2.83
CA TYR B 19 1.31 35.55 3.01
C TYR B 19 1.49 36.29 1.66
N ILE B 20 0.50 37.12 1.33
CA ILE B 20 0.56 38.07 0.24
C ILE B 20 0.72 39.44 0.85
N PRO B 21 1.76 40.18 0.45
CA PRO B 21 1.93 41.57 0.89
C PRO B 21 0.86 42.51 0.32
N PRO B 22 0.51 43.58 1.04
CA PRO B 22 -0.62 44.45 0.62
C PRO B 22 -0.31 45.16 -0.70
N GLU B 23 0.97 45.22 -1.06
CA GLU B 23 1.41 45.84 -2.30
C GLU B 23 2.61 45.08 -2.84
N LEU B 24 2.83 45.08 -4.15
CA LEU B 24 4.06 44.52 -4.72
C LEU B 24 5.05 45.62 -5.05
N ARG B 25 6.33 45.45 -4.71
CA ARG B 25 7.39 46.44 -5.03
C ARG B 25 8.38 45.90 -6.04
N VAL B 26 8.20 44.63 -6.42
CA VAL B 26 8.94 44.01 -7.49
C VAL B 26 7.84 43.25 -8.20
N ARG B 27 7.89 43.24 -9.54
CA ARG B 27 6.86 42.67 -10.40
C ARG B 27 5.49 43.44 -10.34
N ARG B 28 5.54 44.67 -9.84
CA ARG B 28 4.36 45.52 -9.82
C ARG B 28 3.80 45.78 -11.21
N GLY B 29 4.66 46.15 -12.17
CA GLY B 29 4.23 46.38 -13.56
C GLY B 29 3.63 45.16 -14.23
N GLU B 30 4.22 43.98 -14.00
CA GLU B 30 3.64 42.74 -14.50
C GLU B 30 2.27 42.49 -13.93
N ALA B 31 2.09 42.74 -12.64
CA ALA B 31 0.75 42.61 -12.04
C ALA B 31 -0.29 43.57 -12.65
N GLU B 32 0.09 44.83 -12.87
CA GLU B 32 -0.80 45.82 -13.44
C GLU B 32 -1.17 45.47 -14.87
N ALA B 33 -0.19 44.98 -15.62
CA ALA B 33 -0.43 44.64 -16.99
C ALA B 33 -1.47 43.53 -17.12
N LEU B 34 -1.33 42.49 -16.28
CA LEU B 34 -2.22 41.33 -16.36
C LEU B 34 -3.61 41.79 -15.88
N ALA B 35 -3.65 42.59 -14.79
CA ALA B 35 -4.88 43.12 -14.24
C ALA B 35 -5.61 43.93 -15.31
N ARG B 36 -4.86 44.75 -16.03
CA ARG B 36 -5.46 45.64 -17.03
C ARG B 36 -6.11 44.88 -18.17
N ILE B 37 -5.58 43.72 -18.51
CA ILE B 37 -6.25 42.92 -19.55
C ILE B 37 -7.64 42.45 -19.14
N TYR B 38 -7.77 41.94 -17.92
CA TYR B 38 -9.09 41.58 -17.39
C TYR B 38 -9.87 42.87 -17.43
N LEU B 39 -9.57 43.80 -16.49
CA LEU B 39 -10.27 45.09 -16.42
C LEU B 39 -10.71 45.72 -17.76
N ASN B 40 -9.82 45.79 -18.75
CA ASN B 40 -10.19 46.42 -20.03
C ASN B 40 -11.51 45.83 -20.48
N ARG B 41 -11.59 44.50 -20.47
CA ARG B 41 -12.77 43.76 -20.89
C ARG B 41 -13.98 43.99 -19.98
N LEU B 42 -13.73 44.09 -18.69
CA LEU B 42 -14.80 44.18 -17.72
C LEU B 42 -15.31 45.64 -17.63
N LEU B 43 -14.41 46.60 -17.59
CA LEU B 43 -14.85 47.98 -17.44
C LEU B 43 -15.47 48.53 -18.73
N SER B 44 -15.29 47.82 -19.85
CA SER B 44 -15.89 48.22 -21.11
C SER B 44 -17.23 47.53 -21.40
N GLY B 45 -17.83 46.88 -20.40
CA GLY B 45 -19.11 46.19 -20.57
C GLY B 45 -19.06 44.82 -21.26
N ALA B 46 -17.86 44.33 -21.59
CA ALA B 46 -17.76 43.02 -22.20
C ALA B 46 -17.54 41.86 -21.20
N GLY B 47 -17.82 42.10 -19.91
CA GLY B 47 -17.69 41.02 -18.90
C GLY B 47 -16.28 40.51 -18.58
N LEU B 48 -16.18 39.24 -18.19
CA LEU B 48 -14.92 38.54 -17.94
C LEU B 48 -14.83 37.30 -18.84
N SER B 49 -13.71 37.10 -19.51
CA SER B 49 -13.54 35.91 -20.38
C SER B 49 -12.08 35.60 -20.76
N ASP B 50 -11.17 36.50 -20.49
CA ASP B 50 -9.81 36.29 -20.95
C ASP B 50 -9.13 35.14 -20.24
N VAL B 51 -8.16 34.54 -20.95
CA VAL B 51 -7.30 33.51 -20.42
C VAL B 51 -5.89 34.03 -20.58
N ASN B 52 -5.18 34.15 -19.46
CA ASN B 52 -3.78 34.52 -19.49
C ASN B 52 -2.96 33.51 -18.70
N MET B 53 -1.64 33.61 -18.81
CA MET B 53 -0.75 32.61 -18.24
C MET B 53 0.48 33.28 -17.68
N ILE B 54 0.90 32.81 -16.52
CA ILE B 54 2.18 33.12 -15.94
C ILE B 54 2.97 31.82 -15.94
N TYR B 55 4.25 31.88 -16.36
CA TYR B 55 5.16 30.72 -16.24
C TYR B 55 6.51 31.25 -15.82
N GLY B 56 7.32 30.42 -15.16
CA GLY B 56 8.59 30.87 -14.62
C GLY B 56 9.74 30.23 -15.38
N SER B 57 10.98 30.67 -15.14
CA SER B 57 12.15 29.94 -15.64
C SER B 57 12.21 28.49 -15.27
N ILE B 58 12.74 27.69 -16.18
CA ILE B 58 12.67 26.26 -16.00
C ILE B 58 13.67 25.84 -14.94
N GLY B 59 13.23 25.01 -14.00
CA GLY B 59 14.09 24.64 -12.90
C GLY B 59 14.04 25.59 -11.71
N ARG B 60 13.70 26.87 -11.91
CA ARG B 60 13.61 27.82 -10.79
C ARG B 60 12.34 27.69 -9.94
N VAL B 61 12.50 27.79 -8.62
CA VAL B 61 11.36 27.81 -7.70
C VAL B 61 11.40 29.05 -6.80
N GLY B 62 10.25 29.42 -6.26
CA GLY B 62 10.18 30.52 -5.29
C GLY B 62 10.42 31.85 -5.94
N ILE B 63 9.97 32.01 -7.19
CA ILE B 63 10.22 33.24 -7.96
C ILE B 63 8.95 34.07 -8.21
N GLY B 64 7.90 33.81 -7.44
CA GLY B 64 6.75 34.70 -7.42
C GLY B 64 5.58 34.37 -8.34
N LYS B 65 5.52 33.14 -8.88
CA LYS B 65 4.46 32.71 -9.79
C LYS B 65 3.05 32.79 -9.13
N THR B 66 2.93 32.18 -7.95
CA THR B 66 1.71 32.11 -7.17
C THR B 66 1.35 33.47 -6.57
N THR B 67 2.35 34.12 -6.03
CA THR B 67 2.20 35.45 -5.47
C THR B 67 1.66 36.49 -6.47
N LEU B 68 2.29 36.55 -7.66
CA LEU B 68 1.82 37.40 -8.75
C LEU B 68 0.40 37.10 -9.19
N ALA B 69 0.06 35.83 -9.34
CA ALA B 69 -1.27 35.44 -9.76
C ALA B 69 -2.33 35.86 -8.76
N LYS B 70 -2.07 35.59 -7.48
CA LYS B 70 -3.00 35.98 -6.44
C LYS B 70 -3.05 37.48 -6.31
N PHE B 71 -1.91 38.16 -6.40
CA PHE B 71 -1.97 39.60 -6.17
C PHE B 71 -2.75 40.30 -7.31
N THR B 72 -2.50 39.89 -8.55
CA THR B 72 -3.21 40.34 -9.76
C THR B 72 -4.74 40.23 -9.69
N VAL B 73 -5.22 39.05 -9.34
CA VAL B 73 -6.62 38.82 -9.09
C VAL B 73 -7.17 39.74 -8.00
N LYS B 74 -6.45 39.85 -6.88
CA LYS B 74 -6.85 40.77 -5.81
C LYS B 74 -7.00 42.20 -6.40
N ARG B 75 -6.08 42.62 -7.26
CA ARG B 75 -6.14 43.95 -7.83
C ARG B 75 -7.31 44.12 -8.81
N VAL B 76 -7.58 43.08 -9.62
CA VAL B 76 -8.73 43.18 -10.50
C VAL B 76 -9.94 43.43 -9.60
N SER B 77 -10.07 42.62 -8.55
CA SER B 77 -11.15 42.72 -7.60
C SER B 77 -11.34 44.09 -6.89
N GLU B 78 -10.26 44.70 -6.38
CA GLU B 78 -10.37 46.04 -5.81
C GLU B 78 -10.75 47.05 -6.85
N ALA B 79 -10.08 47.04 -8.00
CA ALA B 79 -10.42 47.99 -9.03
C ALA B 79 -11.82 47.84 -9.61
N ALA B 80 -12.31 46.61 -9.76
CA ALA B 80 -13.71 46.45 -10.24
C ALA B 80 -14.74 46.96 -9.23
N ALA B 81 -14.44 46.79 -7.96
CA ALA B 81 -15.31 47.29 -6.90
C ALA B 81 -15.47 48.84 -6.91
N LYS B 82 -14.41 49.58 -7.20
CA LYS B 82 -14.54 51.03 -7.29
C LYS B 82 -15.64 51.38 -8.28
N GLU B 83 -15.80 50.56 -9.31
CA GLU B 83 -16.89 50.74 -10.29
C GLU B 83 -18.17 50.00 -9.93
N GLY B 84 -18.21 49.45 -8.72
CA GLY B 84 -19.35 48.69 -8.21
C GLY B 84 -19.66 47.33 -8.79
N LEU B 85 -18.67 46.63 -9.38
CA LEU B 85 -18.95 45.41 -10.18
C LEU B 85 -19.17 44.01 -9.52
N THR B 86 -18.28 43.66 -8.58
CA THR B 86 -18.11 42.33 -7.91
C THR B 86 -17.43 41.24 -8.67
N VAL B 87 -16.11 41.10 -8.45
CA VAL B 87 -15.39 39.90 -8.93
C VAL B 87 -14.84 39.00 -7.84
N LYS B 88 -15.30 37.75 -7.88
CA LYS B 88 -14.89 36.75 -6.95
C LYS B 88 -13.61 36.13 -7.44
N GLN B 89 -12.90 35.55 -6.49
CA GLN B 89 -11.61 34.91 -6.73
C GLN B 89 -11.74 33.43 -6.35
N ALA B 90 -11.32 32.54 -7.23
CA ALA B 90 -11.15 31.13 -6.87
C ALA B 90 -9.74 30.73 -7.18
N TYR B 91 -9.13 30.02 -6.25
CA TYR B 91 -7.74 29.60 -6.44
C TYR B 91 -7.70 28.10 -6.37
N VAL B 92 -7.11 27.49 -7.37
CA VAL B 92 -7.01 26.02 -7.33
C VAL B 92 -5.61 25.60 -7.66
N ASN B 93 -5.03 24.76 -6.80
CA ASN B 93 -3.74 24.18 -7.10
C ASN B 93 -4.04 22.83 -7.68
N ALA B 94 -3.85 22.68 -9.00
CA ALA B 94 -4.25 21.47 -9.73
C ALA B 94 -3.43 20.21 -9.46
N PHE B 95 -2.31 20.33 -8.73
CA PHE B 95 -1.66 19.19 -8.09
C PHE B 95 -2.67 18.47 -7.17
N ASN B 96 -3.49 19.28 -6.48
CA ASN B 96 -4.43 18.85 -5.42
C ASN B 96 -5.79 18.35 -5.94
N ALA B 97 -5.82 17.94 -7.22
CA ALA B 97 -7.06 17.62 -7.96
C ALA B 97 -6.88 16.74 -9.23
N PRO B 98 -6.98 15.41 -9.12
CA PRO B 98 -6.84 14.50 -10.27
C PRO B 98 -7.72 14.82 -11.52
N ASN B 99 -9.01 15.10 -11.34
CA ASN B 99 -9.93 15.25 -12.47
C ASN B 99 -10.61 16.64 -12.52
N LEU B 100 -11.28 16.95 -13.63
CA LEU B 100 -12.03 18.20 -13.79
C LEU B 100 -13.18 18.32 -12.80
N TYR B 101 -13.82 17.19 -12.51
CA TYR B 101 -14.86 17.17 -11.52
C TYR B 101 -14.37 17.73 -10.17
N THR B 102 -13.19 17.30 -9.71
CA THR B 102 -12.60 17.80 -8.47
C THR B 102 -12.18 19.28 -8.52
N ILE B 103 -11.49 19.69 -9.59
CA ILE B 103 -11.17 21.11 -9.78
C ILE B 103 -12.41 21.99 -9.66
N LEU B 104 -13.46 21.61 -10.37
CA LEU B 104 -14.74 22.30 -10.33
C LEU B 104 -15.42 22.36 -8.96
N SER B 105 -15.41 21.27 -8.23
CA SER B 105 -16.09 21.36 -6.93
C SER B 105 -15.25 22.22 -6.00
N LEU B 106 -13.93 22.18 -6.18
CA LEU B 106 -13.10 23.10 -5.43
C LEU B 106 -13.47 24.54 -5.76
N ILE B 107 -13.65 24.84 -7.03
CA ILE B 107 -14.05 26.20 -7.42
C ILE B 107 -15.40 26.62 -6.81
N VAL B 108 -16.40 25.72 -6.80
CA VAL B 108 -17.70 26.05 -6.14
C VAL B 108 -17.64 26.27 -4.62
N ARG B 109 -16.88 25.42 -3.92
CA ARG B 109 -16.61 25.58 -2.49
C ARG B 109 -16.23 27.04 -2.24
N GLN B 110 -15.28 27.52 -3.05
CA GLN B 110 -14.73 28.85 -2.92
C GLN B 110 -15.68 30.02 -3.21
N THR B 111 -16.65 29.84 -4.11
CA THR B 111 -17.62 30.93 -4.34
C THR B 111 -18.58 31.02 -3.18
N GLY B 112 -18.71 29.95 -2.43
CA GLY B 112 -19.77 29.87 -1.42
C GLY B 112 -21.17 29.55 -1.98
N TYR B 113 -21.34 29.46 -3.29
CA TYR B 113 -22.68 29.31 -3.87
C TYR B 113 -23.22 27.94 -3.54
N PRO B 114 -24.50 27.84 -3.18
CA PRO B 114 -25.05 26.54 -2.75
C PRO B 114 -25.44 25.78 -4.03
N ILE B 115 -24.46 25.05 -4.57
CA ILE B 115 -24.57 24.32 -5.84
C ILE B 115 -24.29 22.90 -5.48
N GLN B 116 -25.18 22.01 -5.83
CA GLN B 116 -24.99 20.62 -5.44
C GLN B 116 -24.11 19.98 -6.47
N VAL B 117 -23.01 19.45 -5.98
CA VAL B 117 -21.98 18.84 -6.79
C VAL B 117 -22.02 17.28 -6.80
N ARG B 118 -22.73 16.68 -5.84
CA ARG B 118 -22.90 15.23 -5.74
C ARG B 118 -23.39 14.77 -7.09
N GLY B 119 -22.73 13.78 -7.65
CA GLY B 119 -23.19 13.19 -8.90
C GLY B 119 -23.38 14.12 -10.09
N ALA B 120 -22.89 15.36 -10.03
CA ALA B 120 -23.02 16.27 -11.18
C ALA B 120 -21.79 16.18 -12.12
N PRO B 121 -22.01 15.97 -13.43
CA PRO B 121 -20.88 15.97 -14.37
C PRO B 121 -20.21 17.34 -14.38
N ALA B 122 -18.91 17.35 -14.71
CA ALA B 122 -18.12 18.54 -14.74
C ALA B 122 -18.85 19.64 -15.52
N LEU B 123 -19.40 19.27 -16.67
CA LEU B 123 -20.12 20.21 -17.54
C LEU B 123 -21.31 20.84 -16.80
N ASP B 124 -22.11 20.02 -16.14
CA ASP B 124 -23.23 20.47 -15.33
C ASP B 124 -22.85 21.46 -14.17
N ILE B 125 -21.72 21.22 -13.52
CA ILE B 125 -21.28 22.08 -12.43
C ILE B 125 -20.95 23.48 -12.98
N LEU B 126 -20.39 23.48 -14.19
CA LEU B 126 -20.04 24.67 -14.94
C LEU B 126 -21.30 25.44 -15.30
N LYS B 127 -22.35 24.73 -15.71
CA LYS B 127 -23.62 25.38 -16.05
C LYS B 127 -24.21 26.04 -14.80
N ALA B 128 -24.20 25.31 -13.67
CA ALA B 128 -24.78 25.87 -12.43
C ALA B 128 -24.00 27.17 -12.03
N LEU B 129 -22.69 27.12 -12.25
CA LEU B 129 -21.78 28.20 -11.94
C LEU B 129 -22.11 29.42 -12.81
N VAL B 130 -22.20 29.21 -14.12
CA VAL B 130 -22.64 30.27 -15.04
C VAL B 130 -24.01 30.82 -14.64
N ASP B 131 -24.98 29.98 -14.33
CA ASP B 131 -26.27 30.44 -13.81
C ASP B 131 -26.20 31.29 -12.53
N ASN B 132 -25.47 30.82 -11.51
CA ASN B 132 -25.36 31.53 -10.22
C ASN B 132 -24.61 32.83 -10.38
N LEU B 133 -23.63 32.85 -11.28
CA LEU B 133 -22.93 34.11 -11.54
C LEU B 133 -23.87 35.09 -12.18
N TYR B 134 -24.70 34.58 -13.09
CA TYR B 134 -25.75 35.39 -13.69
C TYR B 134 -26.81 35.89 -12.64
N VAL B 135 -27.38 34.99 -11.83
CA VAL B 135 -28.41 35.40 -10.86
C VAL B 135 -27.87 36.53 -9.94
N GLU B 136 -26.60 36.36 -9.51
CA GLU B 136 -25.99 37.19 -8.50
C GLU B 136 -25.46 38.48 -9.08
N ASN B 137 -25.25 38.46 -10.41
CA ASN B 137 -24.59 39.56 -11.10
C ASN B 137 -23.14 39.67 -10.60
N HIS B 138 -22.48 38.50 -10.49
CA HIS B 138 -21.08 38.38 -10.10
C HIS B 138 -20.16 37.96 -11.29
N TYR B 139 -18.89 38.26 -11.16
CA TYR B 139 -17.86 37.77 -12.07
C TYR B 139 -16.91 36.93 -11.29
N LEU B 140 -16.26 35.99 -11.94
CA LEU B 140 -15.39 35.04 -11.26
C LEU B 140 -14.08 34.93 -12.03
N LEU B 141 -12.99 35.14 -11.31
CA LEU B 141 -11.69 35.06 -11.90
C LEU B 141 -11.00 33.86 -11.20
N VAL B 142 -10.75 32.84 -12.01
CA VAL B 142 -10.18 31.58 -11.54
C VAL B 142 -8.65 31.53 -11.76
N ILE B 143 -7.88 31.32 -10.70
CA ILE B 143 -6.49 30.95 -10.85
C ILE B 143 -6.38 29.39 -10.86
N LEU B 144 -5.87 28.80 -11.93
CA LEU B 144 -5.48 27.40 -11.94
C LEU B 144 -3.96 27.32 -11.87
N ASP B 145 -3.47 27.02 -10.69
CA ASP B 145 -2.06 26.90 -10.38
C ASP B 145 -1.51 25.51 -10.69
N GLU B 146 -0.20 25.40 -10.90
CA GLU B 146 0.43 24.13 -11.29
C GLU B 146 -0.33 23.57 -12.46
N PHE B 147 -0.67 24.45 -13.41
CA PHE B 147 -1.51 24.07 -14.56
C PHE B 147 -0.85 22.96 -15.36
N GLN B 148 0.47 22.89 -15.35
CA GLN B 148 1.17 21.85 -16.12
C GLN B 148 0.78 20.44 -15.69
N SER B 149 0.42 20.25 -14.43
CA SER B 149 -0.09 18.96 -13.97
C SER B 149 -1.45 18.65 -14.55
N MET B 150 -2.18 19.68 -14.99
CA MET B 150 -3.46 19.49 -15.63
C MET B 150 -3.30 19.04 -17.08
N LEU B 151 -2.07 19.12 -17.60
CA LEU B 151 -1.79 18.72 -18.96
C LEU B 151 -1.14 17.33 -19.05
N SER B 152 -0.42 16.95 -18.00
CA SER B 152 0.10 15.58 -17.89
C SER B 152 -0.75 14.77 -16.88
N SER B 153 -1.93 14.39 -17.34
CA SER B 153 -2.97 13.81 -16.49
C SER B 153 -3.95 13.16 -17.48
N PRO B 154 -3.91 11.82 -17.56
CA PRO B 154 -4.90 11.04 -18.32
C PRO B 154 -6.31 11.24 -17.80
N ARG B 155 -6.46 11.49 -16.49
CA ARG B 155 -7.78 11.72 -15.86
C ARG B 155 -8.51 12.98 -16.41
N ILE B 156 -7.75 13.90 -17.02
CA ILE B 156 -8.34 15.07 -17.65
C ILE B 156 -8.12 15.01 -19.14
N ALA B 157 -9.20 15.11 -19.89
CA ALA B 157 -9.20 14.99 -21.34
C ALA B 157 -9.10 16.36 -22.03
N ALA B 158 -8.24 16.45 -23.03
CA ALA B 158 -8.17 17.58 -23.96
C ALA B 158 -9.51 18.29 -24.18
N GLU B 159 -10.52 17.52 -24.51
CA GLU B 159 -11.85 18.07 -24.83
C GLU B 159 -12.48 18.84 -23.65
N ASP B 160 -12.22 18.38 -22.43
CA ASP B 160 -12.66 19.01 -21.18
C ASP B 160 -12.01 20.37 -20.92
N LEU B 161 -10.68 20.38 -21.00
CA LEU B 161 -9.92 21.61 -20.84
C LEU B 161 -10.51 22.61 -21.81
N TYR B 162 -10.79 22.12 -23.01
CA TYR B 162 -11.32 22.91 -24.08
C TYR B 162 -12.61 23.58 -23.63
N THR B 163 -13.56 22.83 -23.07
CA THR B 163 -14.85 23.40 -22.66
C THR B 163 -14.68 24.30 -21.45
N LEU B 164 -13.82 23.90 -20.53
CA LEU B 164 -13.45 24.79 -19.41
C LEU B 164 -12.91 26.16 -19.87
N LEU B 165 -11.94 26.14 -20.78
CA LEU B 165 -11.20 27.34 -21.10
C LEU B 165 -11.92 28.12 -22.19
N ARG B 166 -12.86 27.45 -22.86
CA ARG B 166 -13.72 28.08 -23.85
C ARG B 166 -15.20 28.00 -23.40
N VAL B 167 -15.41 28.25 -22.11
CA VAL B 167 -16.72 28.07 -21.49
C VAL B 167 -17.82 28.96 -22.09
N HIS B 168 -17.48 30.20 -22.47
CA HIS B 168 -18.53 31.10 -22.97
C HIS B 168 -19.03 30.81 -24.40
N GLU B 169 -18.32 29.91 -25.09
CA GLU B 169 -18.71 29.41 -26.40
C GLU B 169 -19.53 28.13 -26.25
N GLU B 170 -19.21 27.32 -25.25
CA GLU B 170 -19.91 26.07 -24.97
C GLU B 170 -21.14 26.23 -24.05
N ILE B 171 -21.08 27.18 -23.12
CA ILE B 171 -22.16 27.36 -22.14
C ILE B 171 -22.49 28.83 -22.04
N PRO B 172 -23.38 29.28 -22.91
CA PRO B 172 -23.80 30.69 -22.95
C PRO B 172 -24.64 31.02 -21.75
N SER B 173 -24.51 32.24 -21.26
CA SER B 173 -25.33 32.73 -20.17
C SER B 173 -26.71 33.16 -20.68
N ARG B 174 -27.66 33.18 -19.76
CA ARG B 174 -29.02 33.66 -20.04
C ARG B 174 -29.09 35.05 -20.66
N ASP B 175 -28.21 35.95 -20.24
CA ASP B 175 -28.14 37.32 -20.82
C ASP B 175 -26.97 37.58 -21.81
N GLY B 176 -26.17 36.56 -22.09
CA GLY B 176 -24.99 36.74 -22.94
C GLY B 176 -23.83 37.53 -22.36
N VAL B 177 -23.79 37.74 -21.05
CA VAL B 177 -22.61 38.35 -20.42
C VAL B 177 -21.70 37.21 -19.97
N ASN B 178 -20.50 37.17 -20.54
CA ASN B 178 -19.40 36.29 -20.07
C ASN B 178 -18.96 36.67 -18.63
N ARG B 179 -18.88 35.70 -17.73
CA ARG B 179 -18.64 36.01 -16.31
C ARG B 179 -17.54 35.19 -15.66
N ILE B 180 -16.72 34.51 -16.49
CA ILE B 180 -15.60 33.68 -16.00
C ILE B 180 -14.33 33.89 -16.78
N GLY B 181 -13.24 34.25 -16.09
CA GLY B 181 -11.95 34.37 -16.72
C GLY B 181 -10.94 33.52 -15.98
N PHE B 182 -9.74 33.39 -16.52
CA PHE B 182 -8.75 32.47 -15.98
C PHE B 182 -7.36 33.06 -16.01
N LEU B 183 -6.58 32.71 -15.01
CA LEU B 183 -5.19 32.99 -14.97
C LEU B 183 -4.53 31.65 -14.74
N LEU B 184 -3.85 31.10 -15.75
CA LEU B 184 -3.18 29.84 -15.58
C LEU B 184 -1.79 30.16 -15.05
N VAL B 185 -1.29 29.32 -14.17
CA VAL B 185 0.08 29.39 -13.69
C VAL B 185 0.80 28.04 -13.90
N ALA B 186 1.86 28.04 -14.70
CA ALA B 186 2.61 26.82 -15.02
C ALA B 186 4.04 26.94 -14.52
N SER B 187 4.69 25.84 -14.20
CA SER B 187 6.07 25.95 -13.68
C SER B 187 7.06 26.52 -14.73
N ASP B 188 6.84 26.21 -16.00
CA ASP B 188 7.76 26.66 -17.04
C ASP B 188 7.21 26.54 -18.44
N VAL B 189 8.01 27.00 -19.42
CA VAL B 189 7.66 27.00 -20.84
C VAL B 189 7.13 25.64 -21.39
N ARG B 190 7.53 24.52 -20.79
CA ARG B 190 7.13 23.24 -21.36
C ARG B 190 5.63 23.06 -21.41
N ALA B 191 4.94 23.63 -20.43
CA ALA B 191 3.48 23.63 -20.46
C ALA B 191 2.96 24.31 -21.75
N LEU B 192 3.63 25.38 -22.19
CA LEU B 192 3.23 26.04 -23.43
C LEU B 192 3.59 25.21 -24.66
N SER B 193 4.84 24.75 -24.72
CA SER B 193 5.26 23.83 -25.79
C SER B 193 4.26 22.70 -25.94
N TYR B 194 3.95 22.04 -24.80
CA TYR B 194 3.07 20.90 -24.80
C TYR B 194 1.74 21.29 -25.42
N MET B 195 1.06 22.29 -24.83
CA MET B 195 -0.22 22.81 -25.33
C MET B 195 -0.24 23.08 -26.85
N ARG B 196 0.86 23.60 -27.38
CA ARG B 196 0.93 23.98 -28.79
C ARG B 196 0.84 22.73 -29.66
N GLU B 197 1.58 21.70 -29.25
CA GLU B 197 1.71 20.48 -30.03
C GLU B 197 0.56 19.53 -29.81
N LYS B 198 -0.08 19.58 -28.64
CA LYS B 198 -1.18 18.64 -28.36
C LYS B 198 -2.58 19.26 -28.51
N ILE B 199 -2.77 20.49 -28.01
CA ILE B 199 -4.09 21.19 -28.04
C ILE B 199 -4.10 22.68 -28.48
N PRO B 200 -3.61 22.97 -29.69
CA PRO B 200 -3.38 24.36 -30.12
C PRO B 200 -4.66 25.23 -30.17
N GLN B 201 -5.83 24.59 -30.13
CA GLN B 201 -7.10 25.27 -30.12
C GLN B 201 -7.41 25.83 -28.72
N VAL B 202 -6.85 25.20 -27.67
CA VAL B 202 -6.92 25.81 -26.32
C VAL B 202 -5.77 26.81 -26.10
N GLU B 203 -4.53 26.43 -26.46
CA GLU B 203 -3.38 27.33 -26.35
C GLU B 203 -3.62 28.63 -27.04
N SER B 204 -4.30 28.62 -28.18
CA SER B 204 -4.62 29.87 -28.91
C SER B 204 -5.55 30.82 -28.09
N GLN B 205 -6.33 30.26 -27.16
CA GLN B 205 -7.15 31.08 -26.25
C GLN B 205 -6.37 31.99 -25.27
N ILE B 206 -5.07 31.75 -25.13
CA ILE B 206 -4.28 32.51 -24.17
C ILE B 206 -3.87 33.82 -24.79
N GLY B 207 -4.28 34.93 -24.18
CA GLY B 207 -3.96 36.22 -24.74
C GLY B 207 -2.59 36.75 -24.37
N PHE B 208 -2.09 36.40 -23.19
CA PHE B 208 -0.88 37.01 -22.69
C PHE B 208 -0.14 36.01 -21.86
N LYS B 209 1.09 35.75 -22.27
CA LYS B 209 1.96 34.78 -21.63
C LYS B 209 3.09 35.49 -20.95
N LEU B 210 3.05 35.56 -19.62
CA LEU B 210 4.01 36.32 -18.86
C LEU B 210 5.09 35.42 -18.19
N HIS B 211 6.34 35.66 -18.58
CA HIS B 211 7.50 34.88 -18.08
C HIS B 211 8.09 35.55 -16.87
N LEU B 212 8.16 34.85 -15.75
CA LEU B 212 8.86 35.37 -14.56
C LEU B 212 10.26 34.76 -14.52
N PRO B 213 11.31 35.56 -14.46
CA PRO B 213 12.66 35.03 -14.26
C PRO B 213 13.06 34.99 -12.78
N ALA B 214 14.17 34.32 -12.47
CA ALA B 214 14.64 34.31 -11.08
C ALA B 214 15.09 35.73 -10.70
N TYR B 215 14.98 36.05 -9.40
CA TYR B 215 15.28 37.38 -8.90
C TYR B 215 16.75 37.63 -8.78
N LYS B 216 17.11 38.89 -9.07
CA LYS B 216 18.45 39.39 -8.88
C LYS B 216 18.58 39.87 -7.43
N SER B 217 19.81 40.20 -7.00
CA SER B 217 20.05 40.59 -5.60
C SER B 217 19.36 41.91 -5.16
N ARG B 218 19.30 42.89 -6.06
CA ARG B 218 18.58 44.15 -5.84
C ARG B 218 17.07 43.90 -5.54
N GLU B 219 16.46 42.97 -6.27
CA GLU B 219 15.03 42.72 -6.14
C GLU B 219 14.75 41.87 -4.91
N LEU B 220 15.62 40.90 -4.61
CA LEU B 220 15.58 40.21 -3.32
C LEU B 220 15.70 41.19 -2.17
N TYR B 221 16.55 42.20 -2.31
CA TYR B 221 16.78 43.16 -1.24
C TYR B 221 15.46 43.83 -0.99
N THR B 222 14.89 44.44 -2.04
CA THR B 222 13.58 45.07 -2.01
C THR B 222 12.52 44.16 -1.42
N ILE B 223 12.47 42.92 -1.87
CA ILE B 223 11.55 41.97 -1.24
C ILE B 223 11.79 41.76 0.25
N LEU B 224 13.03 41.72 0.71
CA LEU B 224 13.28 41.41 2.14
C LEU B 224 12.95 42.59 3.00
N GLU B 225 13.29 43.79 2.51
CA GLU B 225 13.05 45.03 3.20
C GLU B 225 11.58 45.26 3.44
N GLN B 226 10.75 44.79 2.50
CA GLN B 226 9.30 44.88 2.64
C GLN B 226 8.86 43.88 3.73
N ARG B 227 9.34 42.64 3.70
CA ARG B 227 9.01 41.72 4.84
C ARG B 227 9.49 42.28 6.20
N ALA B 228 10.68 42.86 6.25
CA ALA B 228 11.17 43.42 7.50
C ALA B 228 10.27 44.55 8.05
N GLU B 229 9.94 45.53 7.20
CA GLU B 229 9.02 46.64 7.53
C GLU B 229 7.65 46.21 8.05
N LEU B 230 7.06 45.20 7.41
CA LEU B 230 5.73 44.69 7.80
C LEU B 230 5.80 43.72 8.98
N GLY B 231 6.94 43.04 9.08
CA GLY B 231 7.00 41.84 9.87
C GLY B 231 7.89 41.97 11.09
N LEU B 232 8.95 42.76 10.97
CA LEU B 232 9.91 42.92 12.06
C LEU B 232 9.75 44.26 12.74
N ARG B 233 10.09 44.30 14.02
CA ARG B 233 10.11 45.54 14.79
C ARG B 233 11.19 46.45 14.25
N ASP B 234 10.87 47.74 14.13
CA ASP B 234 11.78 48.69 13.48
C ASP B 234 13.24 48.72 14.00
N THR B 235 13.46 48.28 15.23
CA THR B 235 14.79 48.38 15.85
C THR B 235 15.66 47.17 15.56
N VAL B 236 14.99 46.10 15.13
CA VAL B 236 15.55 44.76 14.99
C VAL B 236 16.56 44.61 13.81
N TRP B 237 16.38 45.37 12.75
CA TRP B 237 17.10 45.08 11.52
C TRP B 237 17.75 46.31 10.93
N GLU B 238 18.85 46.11 10.19
CA GLU B 238 19.48 47.13 9.38
C GLU B 238 19.56 46.65 7.93
N PRO B 239 19.65 47.60 6.99
CA PRO B 239 19.88 47.26 5.60
C PRO B 239 20.94 46.18 5.36
N ARG B 240 22.12 46.31 5.97
CA ARG B 240 23.22 45.36 5.78
C ARG B 240 22.90 43.92 6.12
N HIS B 241 21.98 43.72 7.07
CA HIS B 241 21.58 42.38 7.50
C HIS B 241 20.94 41.73 6.32
N LEU B 242 20.09 42.49 5.64
CA LEU B 242 19.35 41.96 4.50
C LEU B 242 20.21 41.76 3.28
N GLU B 243 21.19 42.63 3.07
CA GLU B 243 22.15 42.51 1.96
C GLU B 243 22.93 41.22 1.98
N LEU B 244 23.30 40.78 3.18
CA LEU B 244 23.92 39.48 3.43
C LEU B 244 23.16 38.32 2.84
N ILE B 245 21.83 38.41 2.84
CA ILE B 245 21.03 37.34 2.26
C ILE B 245 20.92 37.58 0.76
N SER B 246 20.55 38.79 0.37
CA SER B 246 20.33 39.03 -1.06
C SER B 246 21.60 38.86 -1.88
N ASP B 247 22.75 39.25 -1.30
CA ASP B 247 24.05 39.13 -2.02
C ASP B 247 24.38 37.71 -2.43
N VAL B 248 23.95 36.75 -1.64
CA VAL B 248 24.22 35.34 -1.83
C VAL B 248 23.12 34.67 -2.67
N TYR B 249 21.84 34.99 -2.45
CA TYR B 249 20.79 34.30 -3.21
C TYR B 249 20.52 34.84 -4.62
N GLY B 250 20.89 36.10 -4.86
CA GLY B 250 20.66 36.73 -6.15
C GLY B 250 21.16 35.83 -7.28
N GLU B 251 20.39 35.77 -8.36
CA GLU B 251 20.77 34.98 -9.51
C GLU B 251 21.93 35.61 -10.27
N ASP B 252 22.08 36.93 -10.18
CA ASP B 252 23.25 37.61 -10.78
C ASP B 252 24.53 37.36 -9.98
N LYS B 253 24.36 36.75 -8.81
CA LYS B 253 25.47 36.50 -7.88
C LYS B 253 25.70 35.02 -7.78
N GLY B 254 25.05 34.24 -8.64
CA GLY B 254 25.33 32.82 -8.73
C GLY B 254 24.36 31.99 -7.93
N GLY B 255 23.40 32.65 -7.25
CA GLY B 255 22.39 31.93 -6.50
C GLY B 255 21.12 31.55 -7.25
N ASP B 256 20.34 30.66 -6.64
CA ASP B 256 18.89 30.40 -6.82
C ASP B 256 17.99 31.50 -7.39
N GLY B 257 18.13 32.69 -6.83
CA GLY B 257 17.23 33.80 -7.10
C GLY B 257 15.85 33.48 -6.57
N SER B 258 15.80 32.66 -5.53
CA SER B 258 14.54 32.30 -4.90
C SER B 258 14.16 33.25 -3.77
N ALA B 259 13.02 33.92 -3.86
CA ALA B 259 12.56 34.82 -2.79
C ALA B 259 12.05 34.06 -1.53
N ARG B 260 11.47 32.89 -1.74
CA ARG B 260 11.14 32.00 -0.63
C ARG B 260 12.39 31.69 0.21
N ARG B 261 13.47 31.34 -0.47
CA ARG B 261 14.70 30.97 0.20
C ARG B 261 15.20 32.17 0.99
N ALA B 262 15.16 33.36 0.38
CA ALA B 262 15.59 34.59 1.04
C ALA B 262 14.70 34.95 2.24
N ILE B 263 13.41 34.79 2.11
CA ILE B 263 12.51 35.13 3.20
C ILE B 263 12.72 34.20 4.41
N VAL B 264 12.99 32.94 4.10
CA VAL B 264 13.14 31.89 5.09
C VAL B 264 14.44 32.11 5.88
N ALA B 265 15.50 32.49 5.20
CA ALA B 265 16.73 32.87 5.86
C ALA B 265 16.50 33.99 6.89
N LEU B 266 15.87 35.08 6.46
CA LEU B 266 15.55 36.18 7.36
C LEU B 266 14.70 35.72 8.57
N LYS B 267 13.69 34.92 8.31
CA LYS B 267 12.88 34.38 9.37
C LYS B 267 13.77 33.64 10.36
N MET B 268 14.55 32.68 9.87
CA MET B 268 15.48 31.87 10.67
C MET B 268 16.44 32.73 11.51
N ALA B 269 16.99 33.76 10.87
CA ALA B 269 17.89 34.66 11.54
C ALA B 269 17.22 35.27 12.73
N CYS B 270 15.99 35.74 12.55
CA CYS B 270 15.25 36.41 13.63
C CYS B 270 14.92 35.44 14.76
N GLU B 271 14.54 34.20 14.44
CA GLU B 271 14.29 33.21 15.49
C GLU B 271 15.54 32.73 16.18
N MET B 272 16.67 32.83 15.48
CA MET B 272 17.98 32.57 16.05
C MET B 272 18.37 33.62 17.08
N ALA B 273 18.00 34.87 16.82
CA ALA B 273 18.25 35.96 17.77
C ALA B 273 17.38 35.89 19.02
N GLU B 274 16.09 35.60 18.80
CA GLU B 274 15.14 35.38 19.87
C GLU B 274 15.68 34.25 20.78
N ALA B 275 15.91 33.07 20.21
CA ALA B 275 16.31 31.90 20.99
C ALA B 275 17.49 32.20 21.92
N MET B 276 18.38 33.09 21.49
CA MET B 276 19.58 33.48 22.22
C MET B 276 19.31 34.57 23.24
N GLY B 277 18.13 35.17 23.21
CA GLY B 277 17.78 36.30 24.07
C GLY B 277 18.15 37.70 23.51
N ARG B 278 18.70 37.73 22.31
CA ARG B 278 18.97 38.99 21.64
C ARG B 278 17.64 39.69 21.32
N ASP B 279 17.62 41.00 21.24
CA ASP B 279 16.43 41.67 20.69
C ASP B 279 16.72 42.44 19.40
N SER B 280 17.87 42.16 18.80
CA SER B 280 18.14 42.63 17.46
C SER B 280 18.89 41.56 16.66
N LEU B 281 18.99 41.74 15.33
CA LEU B 281 19.79 40.84 14.54
C LEU B 281 21.26 41.22 14.71
N SER B 282 22.16 40.28 14.44
CA SER B 282 23.56 40.61 14.25
C SER B 282 23.94 39.89 12.97
N GLU B 283 25.06 40.28 12.39
CA GLU B 283 25.51 39.72 11.13
C GLU B 283 25.84 38.23 11.21
N ASP B 284 26.39 37.77 12.31
CA ASP B 284 26.66 36.35 12.51
C ASP B 284 25.41 35.47 12.40
N LEU B 285 24.30 35.91 13.00
CA LEU B 285 23.06 35.16 12.93
C LEU B 285 22.50 35.10 11.50
N VAL B 286 22.62 36.19 10.74
CA VAL B 286 22.06 36.19 9.41
C VAL B 286 22.87 35.25 8.53
N ARG B 287 24.19 35.40 8.62
CA ARG B 287 25.13 34.57 7.88
C ARG B 287 25.01 33.17 8.33
N LYS B 288 24.87 32.93 9.63
CA LYS B 288 24.45 31.60 10.10
C LYS B 288 23.17 31.03 9.42
N ALA B 289 22.10 31.82 9.43
CA ALA B 289 20.88 31.44 8.77
C ALA B 289 21.09 31.13 7.26
N VAL B 290 21.90 31.91 6.57
CA VAL B 290 22.13 31.68 5.14
C VAL B 290 22.75 30.29 4.88
N SER B 291 23.58 29.85 5.83
CA SER B 291 24.41 28.68 5.65
C SER B 291 23.74 27.37 6.09
N GLU B 292 22.76 27.48 6.99
CA GLU B 292 21.92 26.34 7.36
C GLU B 292 20.68 26.26 6.47
N ASN B 293 20.33 27.35 5.80
CA ASN B 293 19.17 27.38 4.92
C ASN B 293 19.51 26.50 3.75
N GLU B 294 19.43 25.19 3.99
CA GLU B 294 20.00 24.20 3.06
C GLU B 294 18.90 23.56 2.21
N ALA B 295 17.89 24.37 1.88
CA ALA B 295 16.77 23.94 1.05
C ALA B 295 17.11 24.04 -0.44
N ALA B 296 18.33 23.65 -0.77
CA ALA B 296 18.85 23.71 -2.15
C ALA B 296 18.02 22.80 -3.09
N SER B 297 17.51 23.39 -4.18
CA SER B 297 16.47 22.74 -4.98
C SER B 297 16.94 21.52 -5.78
N ILE B 298 16.33 20.35 -5.51
CA ILE B 298 16.58 19.15 -6.33
C ILE B 298 15.36 18.24 -6.47
N GLN B 299 14.66 18.43 -7.60
CA GLN B 299 13.40 17.74 -7.91
C GLN B 299 13.71 16.39 -8.58
N THR B 300 13.69 15.30 -7.81
CA THR B 300 14.14 14.00 -8.33
C THR B 300 13.15 13.42 -9.39
N HIS B 301 11.92 13.94 -9.38
CA HIS B 301 10.89 13.60 -10.36
C HIS B 301 11.30 14.03 -11.77
N GLU B 302 12.05 15.13 -11.85
CA GLU B 302 12.66 15.60 -13.09
C GLU B 302 13.79 14.65 -13.54
N LEU B 303 14.55 14.18 -12.57
CA LEU B 303 15.71 13.35 -12.88
C LEU B 303 15.33 11.96 -13.26
N GLU B 304 14.34 11.40 -12.57
CA GLU B 304 13.83 10.08 -12.89
C GLU B 304 13.22 10.03 -14.28
N ALA B 305 12.78 11.18 -14.78
CA ALA B 305 12.23 11.30 -16.12
C ALA B 305 13.31 11.26 -17.21
N LEU B 306 14.57 11.43 -16.81
CA LEU B 306 15.68 11.33 -17.77
C LEU B 306 16.16 9.89 -18.00
N SER B 307 16.58 9.61 -19.23
CA SER B 307 17.29 8.38 -19.55
C SER B 307 18.66 8.27 -18.87
N ILE B 308 19.07 7.02 -18.67
CA ILE B 308 20.32 6.61 -18.06
C ILE B 308 21.50 7.41 -18.59
N HIS B 309 21.48 7.63 -19.89
CA HIS B 309 22.60 8.21 -20.59
C HIS B 309 22.73 9.72 -20.32
N GLU B 310 21.61 10.45 -20.35
CA GLU B 310 21.63 11.85 -19.90
C GLU B 310 22.05 11.93 -18.45
N LEU B 311 21.60 10.99 -17.63
CA LEU B 311 22.00 10.94 -16.22
C LEU B 311 23.54 10.70 -16.06
N ILE B 312 24.13 9.87 -16.93
CA ILE B 312 25.59 9.66 -16.90
C ILE B 312 26.31 10.94 -17.33
N ILE B 313 25.80 11.60 -18.38
CA ILE B 313 26.41 12.88 -18.79
C ILE B 313 26.30 13.93 -17.66
N LEU B 314 25.10 14.10 -17.13
CA LEU B 314 24.87 15.05 -16.04
C LEU B 314 25.85 14.80 -14.89
N ARG B 315 26.08 13.52 -14.61
CA ARG B 315 26.90 13.15 -13.46
C ARG B 315 28.35 13.55 -13.68
N LEU B 316 28.81 13.35 -14.92
CA LEU B 316 30.16 13.74 -15.31
C LEU B 316 30.36 15.24 -15.26
N ILE B 317 29.38 15.99 -15.78
CA ILE B 317 29.45 17.45 -15.81
C ILE B 317 29.49 17.91 -14.35
N ALA B 318 28.67 17.27 -13.51
CA ALA B 318 28.64 17.60 -12.09
C ALA B 318 30.03 17.42 -11.48
N GLU B 319 30.63 16.24 -11.60
CA GLU B 319 31.93 16.02 -10.97
C GLU B 319 33.10 16.92 -11.47
N ALA B 320 33.07 17.33 -12.74
CA ALA B 320 33.95 18.39 -13.25
C ALA B 320 33.85 19.67 -12.42
N THR B 321 32.65 19.92 -11.87
CA THR B 321 32.40 21.11 -11.06
C THR B 321 32.90 20.94 -9.64
N LEU B 322 32.64 19.77 -9.04
CA LEU B 322 33.06 19.45 -7.68
C LEU B 322 34.58 19.53 -7.47
N GLY B 323 35.35 19.25 -8.53
CA GLY B 323 36.81 19.30 -8.48
C GLY B 323 37.40 20.62 -8.95
N GLY B 324 36.70 21.74 -8.73
CA GLY B 324 37.21 23.08 -8.98
C GLY B 324 37.58 23.45 -10.43
N MET B 325 37.21 22.58 -11.37
CA MET B 325 37.42 22.83 -12.79
C MET B 325 36.05 23.11 -13.45
N GLU B 326 35.44 24.22 -13.02
CA GLU B 326 34.15 24.68 -13.53
C GLU B 326 34.29 25.04 -15.01
N TRP B 327 33.55 24.32 -15.87
CA TRP B 327 33.60 24.44 -17.34
C TRP B 327 34.44 23.32 -17.94
N ILE B 328 33.78 22.36 -18.61
CA ILE B 328 34.46 21.25 -19.29
C ILE B 328 34.19 21.28 -20.80
N ASN B 329 35.23 21.09 -21.61
CA ASN B 329 35.07 21.18 -23.07
C ASN B 329 34.37 19.94 -23.67
N ALA B 330 33.70 20.11 -24.80
CA ALA B 330 32.95 19.01 -25.39
C ALA B 330 33.80 17.77 -25.68
N GLY B 331 35.03 17.98 -26.16
CA GLY B 331 35.94 16.89 -26.48
C GLY B 331 36.16 15.99 -25.28
N LEU B 332 36.58 16.60 -24.18
CA LEU B 332 36.81 15.90 -22.92
C LEU B 332 35.55 15.20 -22.40
N LEU B 333 34.41 15.89 -22.44
CA LEU B 333 33.18 15.31 -21.88
C LEU B 333 32.82 14.01 -22.60
N ARG B 334 32.88 14.05 -23.94
CA ARG B 334 32.68 12.86 -24.76
C ARG B 334 33.67 11.74 -24.40
N GLN B 335 34.97 12.07 -24.34
CA GLN B 335 36.00 11.14 -23.83
C GLN B 335 35.51 10.48 -22.55
N ARG B 336 35.35 11.28 -21.50
CA ARG B 336 34.94 10.75 -20.19
C ARG B 336 33.60 10.01 -20.22
N TYR B 337 32.71 10.38 -21.18
CA TYR B 337 31.40 9.73 -21.35
C TYR B 337 31.56 8.32 -21.88
N GLU B 338 32.44 8.14 -22.88
CA GLU B 338 32.70 6.80 -23.44
C GLU B 338 33.37 5.97 -22.39
N ASP B 339 34.43 6.56 -21.82
CA ASP B 339 35.17 5.93 -20.74
C ASP B 339 34.19 5.55 -19.60
N ALA B 340 33.35 6.47 -19.15
CA ALA B 340 32.49 6.19 -17.99
C ALA B 340 31.33 5.22 -18.22
N SER B 341 30.71 5.27 -19.41
CA SER B 341 29.58 4.37 -19.73
C SER B 341 30.01 2.90 -19.57
N LEU B 342 31.05 2.53 -20.34
CA LEU B 342 31.60 1.18 -20.40
C LEU B 342 32.07 0.67 -19.02
N THR B 343 32.98 1.39 -18.38
CA THR B 343 33.58 0.92 -17.12
C THR B 343 32.70 1.07 -15.89
N MET B 344 32.31 2.30 -15.56
CA MET B 344 31.52 2.56 -14.36
C MET B 344 30.13 1.93 -14.44
N TYR B 345 29.52 1.94 -15.64
CA TYR B 345 28.10 1.64 -15.75
C TYR B 345 27.73 0.43 -16.58
N ASN B 346 28.72 -0.21 -17.21
CA ASN B 346 28.49 -1.43 -18.02
C ASN B 346 27.42 -1.31 -19.12
N VAL B 347 27.31 -0.13 -19.76
CA VAL B 347 26.48 0.06 -20.96
C VAL B 347 27.33 0.66 -22.09
N LYS B 348 27.04 0.30 -23.34
CA LYS B 348 27.82 0.81 -24.46
C LYS B 348 27.45 2.28 -24.73
N PRO B 349 28.46 3.15 -24.90
CA PRO B 349 28.20 4.58 -25.11
C PRO B 349 27.45 4.78 -26.39
N ARG B 350 26.49 5.67 -26.35
CA ARG B 350 25.69 5.95 -27.53
C ARG B 350 26.42 6.86 -28.54
N GLY B 351 25.96 6.84 -29.80
CA GLY B 351 26.61 7.57 -30.89
C GLY B 351 26.50 9.09 -30.80
N TYR B 352 27.34 9.79 -31.55
CA TYR B 352 27.45 11.24 -31.45
C TYR B 352 26.11 11.96 -31.59
N THR B 353 25.32 11.48 -32.55
CA THR B 353 24.03 12.03 -32.89
C THR B 353 23.08 11.97 -31.66
N GLN B 354 22.98 10.81 -31.02
CA GLN B 354 22.14 10.66 -29.85
C GLN B 354 22.72 11.43 -28.65
N TYR B 355 24.06 11.50 -28.58
CA TYR B 355 24.82 12.19 -27.54
C TYR B 355 24.46 13.69 -27.49
N HIS B 356 24.51 14.35 -28.66
CA HIS B 356 24.21 15.79 -28.82
C HIS B 356 22.75 16.13 -28.50
N ILE B 357 21.84 15.22 -28.82
CA ILE B 357 20.45 15.36 -28.41
C ILE B 357 20.31 15.42 -26.87
N TYR B 358 20.96 14.48 -26.19
CA TYR B 358 21.04 14.43 -24.73
C TYR B 358 21.63 15.70 -24.08
N LEU B 359 22.70 16.27 -24.64
CA LEU B 359 23.37 17.47 -24.08
C LEU B 359 22.46 18.68 -24.21
N LYS B 360 21.90 18.81 -25.40
CA LYS B 360 20.84 19.75 -25.77
C LYS B 360 19.74 19.72 -24.72
N HIS B 361 19.18 18.54 -24.53
CA HIS B 361 18.10 18.41 -23.60
C HIS B 361 18.44 18.88 -22.19
N LEU B 362 19.58 18.43 -21.66
CA LEU B 362 20.02 18.88 -20.35
C LEU B 362 20.09 20.40 -20.30
N THR B 363 20.57 20.99 -21.39
CA THR B 363 20.79 22.43 -21.50
C THR B 363 19.47 23.19 -21.45
N SER B 364 18.47 22.67 -22.15
CA SER B 364 17.12 23.21 -22.18
C SER B 364 16.37 23.05 -20.87
N LEU B 365 16.80 22.11 -20.02
CA LEU B 365 16.17 21.89 -18.71
C LEU B 365 16.82 22.76 -17.65
N GLY B 366 17.72 23.62 -18.07
CA GLY B 366 18.45 24.51 -17.16
C GLY B 366 19.49 23.82 -16.28
N LEU B 367 19.74 22.53 -16.52
CA LEU B 367 20.61 21.74 -15.64
C LEU B 367 22.05 22.11 -15.83
N VAL B 368 22.41 22.41 -17.08
CA VAL B 368 23.78 22.71 -17.46
C VAL B 368 23.82 23.96 -18.36
N ASP B 369 24.86 24.77 -18.17
CA ASP B 369 25.10 25.92 -19.02
C ASP B 369 26.07 25.53 -20.09
N ALA B 370 25.77 26.03 -21.29
CA ALA B 370 26.56 25.77 -22.47
C ALA B 370 27.05 27.13 -22.94
N LYS B 371 28.32 27.21 -23.33
CA LYS B 371 28.84 28.39 -24.01
C LYS B 371 30.00 27.99 -24.94
N PRO B 372 30.02 28.51 -26.17
CA PRO B 372 31.15 28.28 -27.10
C PRO B 372 32.40 29.04 -26.66
N SER B 373 33.58 28.62 -27.14
CA SER B 373 34.82 29.41 -27.00
C SER B 373 35.11 29.78 -25.53
N THR B 381 34.84 22.79 -28.98
CA THR B 381 34.59 24.23 -28.93
C THR B 381 33.45 24.64 -28.01
N THR B 382 32.68 23.68 -27.50
CA THR B 382 31.67 24.06 -26.51
C THR B 382 32.06 23.71 -25.07
N LEU B 383 31.79 24.67 -24.19
CA LEU B 383 32.05 24.56 -22.77
C LEU B 383 30.72 24.30 -22.06
N PHE B 384 30.74 23.33 -21.12
CA PHE B 384 29.57 22.89 -20.33
C PHE B 384 29.89 22.99 -18.83
N ARG B 385 28.92 23.41 -18.03
CA ARG B 385 29.06 23.35 -16.57
C ARG B 385 27.74 22.98 -15.89
N LEU B 386 27.80 22.46 -14.68
CA LEU B 386 26.58 22.36 -13.88
C LEU B 386 26.06 23.76 -13.58
N ALA B 387 24.75 23.99 -13.59
CA ALA B 387 24.22 25.30 -13.18
C ALA B 387 24.69 25.62 -11.75
N PRO B 388 25.32 26.78 -11.56
CA PRO B 388 26.00 27.11 -10.29
C PRO B 388 25.13 26.99 -9.04
N HIS B 389 23.81 27.07 -9.16
CA HIS B 389 22.95 27.02 -7.98
C HIS B 389 22.61 25.59 -7.54
N LEU B 390 22.95 24.63 -8.38
CA LEU B 390 22.74 23.22 -8.04
C LEU B 390 23.86 22.68 -7.15
N PRO B 391 23.48 22.05 -6.04
CA PRO B 391 24.45 21.37 -5.16
C PRO B 391 25.06 20.12 -5.81
N ALA B 392 26.33 20.21 -6.19
CA ALA B 392 26.99 19.20 -7.00
C ALA B 392 27.02 17.79 -6.39
N ASP B 393 27.37 17.68 -5.10
CA ASP B 393 27.44 16.36 -4.46
C ASP B 393 26.09 15.76 -4.10
N ARG B 394 25.13 16.61 -3.73
CA ARG B 394 23.76 16.18 -3.48
C ARG B 394 23.24 15.48 -4.74
N LEU B 395 23.43 16.18 -5.86
CA LEU B 395 23.02 15.74 -7.19
C LEU B 395 23.68 14.44 -7.65
N ILE B 396 25.02 14.43 -7.67
CA ILE B 396 25.85 13.23 -7.90
C ILE B 396 25.30 12.00 -7.18
N GLU B 397 25.03 12.15 -5.89
CA GLU B 397 24.36 11.10 -5.12
C GLU B 397 23.03 10.69 -5.76
N VAL B 398 22.10 11.65 -5.86
CA VAL B 398 20.78 11.38 -6.38
C VAL B 398 20.79 10.66 -7.76
N VAL B 399 21.61 11.17 -8.66
CA VAL B 399 21.71 10.66 -10.03
C VAL B 399 22.20 9.21 -10.04
N ASP B 400 23.22 8.92 -9.23
CA ASP B 400 23.78 7.57 -9.17
C ASP B 400 22.68 6.55 -8.81
N ASN B 401 21.85 6.86 -7.80
CA ASN B 401 20.75 5.94 -7.38
C ASN B 401 19.70 5.73 -8.48
N ILE B 402 19.48 6.78 -9.26
CA ILE B 402 18.53 6.74 -10.36
C ILE B 402 19.12 5.91 -11.52
N ILE B 403 20.41 6.05 -11.77
CA ILE B 403 21.05 5.23 -12.79
C ILE B 403 20.98 3.72 -12.39
N GLN B 404 21.29 3.45 -11.10
CA GLN B 404 21.17 2.12 -10.50
C GLN B 404 19.78 1.51 -10.71
N ALA B 405 18.72 2.24 -10.38
CA ALA B 405 17.32 1.76 -10.43
C ALA B 405 16.80 1.53 -11.86
N LYS B 406 17.16 2.41 -12.79
CA LYS B 406 16.79 2.23 -14.19
C LYS B 406 17.48 1.02 -14.81
N MET B 407 18.75 0.80 -14.46
CA MET B 407 19.50 -0.37 -14.95
C MET B 407 18.95 -1.73 -14.46
N ALA B 408 18.68 -1.83 -13.15
CA ALA B 408 18.06 -3.00 -12.53
C ALA B 408 16.74 -3.36 -13.22
N SER B 409 16.03 -2.35 -13.70
CA SER B 409 14.72 -2.57 -14.28
C SER B 409 14.77 -2.63 -15.83
N GLY B 410 15.80 -2.53 -16.53
N GLY C 7 -18.71 -58.03 3.00
CA GLY C 7 -17.73 -56.99 3.46
C GLY C 7 -17.09 -56.21 2.33
N LEU C 8 -17.33 -54.90 2.28
CA LEU C 8 -16.80 -54.08 1.18
C LEU C 8 -15.76 -53.08 1.68
N PHE C 9 -15.98 -52.60 2.89
CA PHE C 9 -15.05 -51.75 3.60
C PHE C 9 -13.97 -52.55 4.28
N LYS C 10 -12.76 -52.00 4.23
CA LYS C 10 -11.68 -52.47 5.08
C LYS C 10 -11.36 -51.51 6.24
N ASP C 11 -11.91 -50.28 6.20
CA ASP C 11 -11.72 -49.27 7.24
C ASP C 11 -12.72 -48.14 7.07
N ARG C 12 -13.83 -48.24 7.78
CA ARG C 12 -14.88 -47.22 7.64
C ARG C 12 -14.45 -45.81 8.14
N ARG C 13 -13.47 -45.78 9.04
CA ARG C 13 -12.90 -44.54 9.59
C ARG C 13 -12.43 -43.55 8.48
N VAL C 14 -12.19 -44.10 7.31
CA VAL C 14 -11.56 -43.38 6.22
C VAL C 14 -12.54 -42.38 5.62
N PHE C 15 -13.82 -42.65 5.80
CA PHE C 15 -14.87 -41.82 5.20
C PHE C 15 -15.55 -40.79 6.13
N ASP C 16 -15.12 -40.72 7.39
CA ASP C 16 -15.63 -39.71 8.34
C ASP C 16 -15.19 -38.31 7.91
N GLU C 17 -16.08 -37.35 8.12
CA GLU C 17 -15.76 -35.92 8.00
C GLU C 17 -14.30 -35.61 8.41
N ASN C 18 -13.91 -36.01 9.63
CA ASN C 18 -12.66 -35.54 10.26
C ASN C 18 -11.37 -36.27 9.91
N TYR C 19 -11.50 -37.37 9.17
CA TYR C 19 -10.37 -38.23 8.93
C TYR C 19 -9.43 -37.54 7.95
N ILE C 20 -8.16 -37.45 8.34
CA ILE C 20 -7.12 -36.96 7.47
C ILE C 20 -6.27 -38.17 7.17
N PRO C 21 -5.91 -38.33 5.91
CA PRO C 21 -4.97 -39.38 5.49
C PRO C 21 -3.55 -39.15 6.02
N PRO C 22 -2.85 -40.25 6.29
CA PRO C 22 -1.42 -40.22 6.68
C PRO C 22 -0.46 -39.54 5.70
N GLU C 23 -0.78 -39.58 4.41
CA GLU C 23 0.01 -38.88 3.42
C GLU C 23 -0.94 -38.08 2.57
N LEU C 24 -0.51 -36.90 2.12
CA LEU C 24 -1.30 -36.05 1.23
C LEU C 24 -0.79 -36.27 -0.19
N ARG C 25 -1.67 -36.19 -1.17
CA ARG C 25 -1.27 -36.45 -2.56
C ARG C 25 -1.81 -35.40 -3.53
N VAL C 26 -2.64 -34.50 -3.03
CA VAL C 26 -3.02 -33.34 -3.79
C VAL C 26 -2.93 -32.21 -2.81
N ARG C 27 -2.26 -31.14 -3.20
CA ARG C 27 -1.87 -30.07 -2.27
C ARG C 27 -0.72 -30.46 -1.34
N ARG C 28 0.00 -31.51 -1.69
CA ARG C 28 1.24 -31.90 -1.03
C ARG C 28 2.31 -30.77 -1.05
N GLY C 29 2.68 -30.31 -2.25
CA GLY C 29 3.73 -29.30 -2.39
C GLY C 29 3.45 -28.04 -1.61
N GLU C 30 2.18 -27.72 -1.46
CA GLU C 30 1.77 -26.55 -0.73
C GLU C 30 1.86 -26.73 0.79
N ALA C 31 1.71 -27.97 1.25
CA ALA C 31 1.82 -28.27 2.66
C ALA C 31 3.29 -28.18 3.00
N GLU C 32 4.08 -28.73 2.09
CA GLU C 32 5.52 -28.69 2.19
C GLU C 32 6.08 -27.28 2.00
N ALA C 33 5.57 -26.54 1.02
CA ALA C 33 5.96 -25.14 0.93
C ALA C 33 5.70 -24.45 2.26
N LEU C 34 4.47 -24.58 2.79
CA LEU C 34 4.14 -23.87 4.02
C LEU C 34 4.97 -24.33 5.24
N ALA C 35 5.23 -25.65 5.35
CA ALA C 35 6.04 -26.22 6.42
C ALA C 35 7.42 -25.61 6.53
N ARG C 36 8.06 -25.33 5.39
CA ARG C 36 9.35 -24.59 5.38
C ARG C 36 9.34 -23.23 6.09
N ILE C 37 8.22 -22.49 6.01
CA ILE C 37 8.13 -21.18 6.68
C ILE C 37 8.22 -21.31 8.21
N TYR C 38 7.41 -22.23 8.76
CA TYR C 38 7.45 -22.54 10.19
C TYR C 38 8.83 -23.17 10.60
N LEU C 39 9.29 -24.17 9.87
CA LEU C 39 10.39 -25.00 10.31
C LEU C 39 11.69 -24.17 10.32
N ASN C 40 11.89 -23.39 9.27
CA ASN C 40 12.97 -22.44 9.28
C ASN C 40 13.01 -21.53 10.51
N ARG C 41 11.89 -20.91 10.90
CA ARG C 41 11.92 -20.08 12.11
C ARG C 41 11.91 -20.83 13.47
N LEU C 42 11.21 -21.96 13.57
CA LEU C 42 11.35 -22.81 14.76
C LEU C 42 12.82 -23.20 15.00
N LEU C 43 13.45 -23.75 13.97
CA LEU C 43 14.80 -24.27 14.02
C LEU C 43 15.86 -23.23 14.22
N SER C 44 15.62 -21.99 13.81
CA SER C 44 16.67 -20.96 13.97
C SER C 44 16.48 -20.12 15.23
N GLY C 45 15.47 -20.47 16.04
CA GLY C 45 15.24 -19.82 17.32
C GLY C 45 14.47 -18.55 17.21
N ALA C 46 13.83 -18.33 16.06
CA ALA C 46 12.83 -17.29 15.95
C ALA C 46 11.53 -17.96 16.45
N GLY C 47 10.52 -17.20 16.81
CA GLY C 47 9.47 -17.93 17.50
C GLY C 47 8.56 -18.67 16.52
N LEU C 48 7.29 -18.70 16.88
CA LEU C 48 6.24 -18.85 15.91
C LEU C 48 5.78 -17.44 15.58
N SER C 49 5.61 -17.22 14.28
CA SER C 49 4.59 -16.33 13.71
C SER C 49 3.58 -15.60 14.62
N ASP C 50 2.52 -16.31 14.94
CA ASP C 50 1.18 -15.71 15.09
C ASP C 50 0.75 -15.27 13.71
N VAL C 51 -0.27 -15.95 13.26
CA VAL C 51 -1.15 -15.48 12.23
C VAL C 51 -0.68 -15.63 10.82
N ASN C 52 -1.30 -16.63 10.23
CA ASN C 52 -1.18 -16.95 8.84
C ASN C 52 -2.57 -17.40 8.46
N MET C 53 -2.84 -17.39 7.15
CA MET C 53 -4.14 -17.78 6.66
C MET C 53 -4.24 -18.71 5.45
N ILE C 54 -5.17 -19.66 5.57
CA ILE C 54 -5.63 -20.46 4.46
C ILE C 54 -7.08 -20.07 4.15
N TYR C 55 -7.40 -19.74 2.92
CA TYR C 55 -8.78 -19.43 2.65
C TYR C 55 -9.20 -20.12 1.37
N GLY C 56 -10.52 -20.25 1.19
CA GLY C 56 -11.05 -20.96 0.05
C GLY C 56 -11.49 -20.03 -1.04
N SER C 57 -12.49 -20.47 -1.78
CA SER C 57 -12.86 -19.87 -3.03
C SER C 57 -14.27 -19.43 -2.88
N ILE C 58 -14.55 -18.26 -3.41
CA ILE C 58 -15.85 -17.63 -3.27
C ILE C 58 -16.90 -18.67 -3.64
N GLY C 59 -17.81 -18.92 -2.69
CA GLY C 59 -18.93 -19.84 -2.87
C GLY C 59 -18.65 -21.35 -2.90
N ARG C 60 -17.40 -21.74 -2.78
CA ARG C 60 -17.00 -23.14 -2.96
C ARG C 60 -16.64 -23.77 -1.60
N VAL C 61 -17.08 -25.00 -1.39
CA VAL C 61 -16.98 -25.69 -0.11
C VAL C 61 -16.40 -27.11 -0.32
N GLY C 62 -15.77 -27.68 0.69
CA GLY C 62 -15.22 -29.02 0.60
C GLY C 62 -13.96 -29.13 -0.24
N ILE C 63 -13.10 -28.12 -0.23
CA ILE C 63 -11.96 -28.06 -1.14
C ILE C 63 -10.59 -28.16 -0.46
N GLY C 64 -10.55 -28.68 0.76
CA GLY C 64 -9.26 -28.97 1.39
C GLY C 64 -8.70 -27.99 2.41
N LYS C 65 -9.40 -26.88 2.67
CA LYS C 65 -9.01 -25.87 3.68
C LYS C 65 -8.63 -26.51 5.04
N THR C 66 -9.57 -27.24 5.62
CA THR C 66 -9.31 -27.93 6.88
C THR C 66 -8.17 -28.95 6.76
N THR C 67 -8.27 -29.82 5.76
CA THR C 67 -7.25 -30.86 5.53
C THR C 67 -5.89 -30.21 5.41
N LEU C 68 -5.78 -29.16 4.58
CA LEU C 68 -4.47 -28.54 4.43
C LEU C 68 -3.98 -27.97 5.77
N ALA C 69 -4.86 -27.31 6.51
CA ALA C 69 -4.44 -26.73 7.77
C ALA C 69 -3.96 -27.80 8.75
N LYS C 70 -4.73 -28.90 8.87
CA LYS C 70 -4.45 -29.99 9.82
C LYS C 70 -3.17 -30.68 9.40
N PHE C 71 -3.00 -30.88 8.10
CA PHE C 71 -1.86 -31.60 7.59
C PHE C 71 -0.57 -30.80 7.63
N THR C 72 -0.67 -29.48 7.49
CA THR C 72 0.52 -28.64 7.50
C THR C 72 1.08 -28.72 8.90
N VAL C 73 0.20 -28.51 9.86
CA VAL C 73 0.54 -28.50 11.27
C VAL C 73 1.14 -29.84 11.73
N LYS C 74 0.57 -30.94 11.24
CA LYS C 74 1.07 -32.27 11.53
C LYS C 74 2.50 -32.38 11.10
N ARG C 75 2.78 -32.04 9.83
CA ARG C 75 4.14 -32.12 9.26
C ARG C 75 5.16 -31.24 9.98
N VAL C 76 4.76 -30.05 10.41
CA VAL C 76 5.67 -29.17 11.14
C VAL C 76 6.04 -29.81 12.46
N SER C 77 5.02 -30.23 13.18
CA SER C 77 5.14 -31.00 14.42
C SER C 77 6.06 -32.18 14.18
N GLU C 78 5.74 -32.90 13.12
CA GLU C 78 6.44 -34.15 12.84
C GLU C 78 7.91 -33.90 12.52
N ALA C 79 8.16 -32.95 11.61
CA ALA C 79 9.51 -32.66 11.20
C ALA C 79 10.33 -32.08 12.37
N ALA C 80 9.83 -31.05 13.06
CA ALA C 80 10.44 -30.52 14.29
C ALA C 80 10.79 -31.58 15.34
N ALA C 81 9.86 -32.50 15.62
CA ALA C 81 10.05 -33.61 16.57
C ALA C 81 11.34 -34.35 16.29
N LYS C 82 11.65 -34.50 15.01
CA LYS C 82 12.86 -35.20 14.56
C LYS C 82 14.13 -34.36 14.71
N GLU C 83 13.98 -33.08 15.02
CA GLU C 83 15.14 -32.24 15.29
C GLU C 83 15.19 -31.81 16.76
N GLY C 84 14.39 -32.49 17.58
CA GLY C 84 14.38 -32.32 19.02
C GLY C 84 13.50 -31.18 19.49
N LEU C 85 12.38 -30.94 18.79
CA LEU C 85 11.41 -29.88 19.14
C LEU C 85 10.00 -30.42 19.24
N THR C 86 9.29 -29.98 20.26
CA THR C 86 7.93 -30.38 20.49
C THR C 86 7.08 -29.22 20.05
N VAL C 87 6.31 -29.43 18.99
CA VAL C 87 5.30 -28.48 18.66
C VAL C 87 3.95 -29.18 18.79
N LYS C 88 3.15 -28.63 19.71
CA LYS C 88 1.80 -29.07 19.99
C LYS C 88 0.80 -28.48 18.95
N GLN C 89 -0.34 -29.17 18.84
CA GLN C 89 -1.35 -28.86 17.84
C GLN C 89 -2.68 -28.72 18.57
N ALA C 90 -3.39 -27.64 18.30
CA ALA C 90 -4.75 -27.57 18.72
C ALA C 90 -5.61 -27.20 17.54
N TYR C 91 -6.76 -27.85 17.48
CA TYR C 91 -7.71 -27.59 16.44
C TYR C 91 -8.96 -27.07 17.10
N VAL C 92 -9.46 -25.96 16.59
CA VAL C 92 -10.63 -25.29 17.13
C VAL C 92 -11.52 -24.91 16.00
N ASN C 93 -12.79 -25.32 16.12
CA ASN C 93 -13.80 -24.99 15.14
C ASN C 93 -14.71 -23.91 15.69
N ALA C 94 -14.53 -22.70 15.17
CA ALA C 94 -15.29 -21.53 15.63
C ALA C 94 -16.81 -21.73 15.80
N PHE C 95 -17.38 -22.68 15.07
CA PHE C 95 -18.81 -22.95 15.20
C PHE C 95 -19.13 -23.67 16.51
N ASN C 96 -18.38 -24.74 16.77
CA ASN C 96 -18.52 -25.46 18.03
C ASN C 96 -17.68 -24.81 19.17
N ALA C 97 -17.27 -23.55 18.98
CA ALA C 97 -16.47 -22.81 19.97
C ALA C 97 -16.44 -21.27 19.73
N PRO C 98 -17.63 -20.64 19.60
CA PRO C 98 -17.70 -19.21 19.16
C PRO C 98 -17.33 -18.14 20.17
N ASN C 99 -16.86 -18.46 21.37
CA ASN C 99 -16.55 -17.35 22.27
C ASN C 99 -15.16 -17.50 22.87
N LEU C 100 -14.40 -16.40 22.88
CA LEU C 100 -13.05 -16.41 23.42
C LEU C 100 -12.88 -17.45 24.54
N TYR C 101 -13.77 -17.43 25.52
CA TYR C 101 -13.64 -18.32 26.68
C TYR C 101 -13.67 -19.80 26.30
N THR C 102 -14.46 -20.13 25.28
CA THR C 102 -14.50 -21.49 24.74
C THR C 102 -13.30 -21.84 23.90
N ILE C 103 -12.81 -20.88 23.12
CA ILE C 103 -11.70 -21.15 22.24
C ILE C 103 -10.54 -21.46 23.14
N LEU C 104 -10.39 -20.63 24.16
CA LEU C 104 -9.27 -20.76 25.06
C LEU C 104 -9.33 -22.05 25.88
N SER C 105 -10.51 -22.44 26.36
CA SER C 105 -10.57 -23.71 27.09
C SER C 105 -10.39 -24.96 26.20
N LEU C 106 -10.76 -24.87 24.94
CA LEU C 106 -10.54 -25.99 24.02
C LEU C 106 -9.04 -26.11 23.68
N ILE C 107 -8.38 -24.95 23.53
CA ILE C 107 -6.95 -24.88 23.24
C ILE C 107 -6.20 -25.55 24.40
N VAL C 108 -6.46 -25.14 25.65
CA VAL C 108 -5.71 -25.78 26.70
C VAL C 108 -6.01 -27.27 26.86
N ARG C 109 -7.29 -27.61 26.82
CA ARG C 109 -7.66 -29.00 26.97
C ARG C 109 -6.70 -29.82 26.07
N GLN C 110 -6.47 -29.33 24.85
CA GLN C 110 -5.67 -30.09 23.86
C GLN C 110 -4.19 -30.13 24.14
N THR C 111 -3.68 -29.20 24.98
CA THR C 111 -2.26 -29.16 25.30
C THR C 111 -2.02 -30.16 26.40
N GLY C 112 -3.08 -30.42 27.17
CA GLY C 112 -3.02 -31.30 28.29
C GLY C 112 -2.20 -30.66 29.38
N TYR C 113 -2.15 -29.33 29.38
CA TYR C 113 -1.45 -28.62 30.43
C TYR C 113 -2.35 -28.46 31.64
N PRO C 114 -1.75 -28.59 32.84
CA PRO C 114 -2.48 -28.53 34.12
C PRO C 114 -2.98 -27.14 34.49
N ILE C 115 -3.93 -26.65 33.72
CA ILE C 115 -4.50 -25.34 34.01
C ILE C 115 -6.03 -25.45 34.11
N GLN C 116 -6.55 -25.32 35.32
CA GLN C 116 -8.00 -25.26 35.57
C GLN C 116 -8.55 -23.92 35.01
N VAL C 117 -9.55 -23.98 34.13
CA VAL C 117 -9.98 -22.82 33.29
C VAL C 117 -11.15 -21.98 33.88
N ARG C 118 -11.73 -22.53 34.97
CA ARG C 118 -12.91 -21.99 35.67
C ARG C 118 -13.17 -20.49 35.67
N GLY C 119 -13.81 -20.00 34.62
CA GLY C 119 -14.16 -18.59 34.54
C GLY C 119 -13.12 -17.58 35.05
N ALA C 120 -11.82 -17.93 34.99
CA ALA C 120 -10.76 -16.88 34.99
C ALA C 120 -10.76 -16.20 33.60
N PRO C 121 -10.61 -14.87 33.49
CA PRO C 121 -10.80 -14.20 32.19
C PRO C 121 -9.90 -14.70 31.04
N ALA C 122 -10.36 -14.48 29.80
CA ALA C 122 -9.56 -14.70 28.57
C ALA C 122 -8.04 -14.51 28.70
N LEU C 123 -7.60 -13.32 29.13
CA LEU C 123 -6.16 -12.95 29.12
C LEU C 123 -5.33 -13.74 30.13
N ASP C 124 -5.94 -14.15 31.24
CA ASP C 124 -5.23 -14.94 32.25
C ASP C 124 -4.92 -16.32 31.81
N ILE C 125 -5.80 -16.91 30.97
CA ILE C 125 -5.53 -18.23 30.39
C ILE C 125 -4.50 -18.15 29.26
N LEU C 126 -4.40 -17.00 28.61
CA LEU C 126 -3.33 -16.80 27.64
C LEU C 126 -1.98 -16.74 28.34
N LYS C 127 -1.88 -15.91 29.39
CA LYS C 127 -0.68 -15.77 30.21
C LYS C 127 -0.22 -17.15 30.70
N ALA C 128 -1.13 -17.89 31.28
CA ALA C 128 -0.80 -19.23 31.80
C ALA C 128 -0.27 -20.15 30.68
N LEU C 129 -0.94 -20.06 29.54
CA LEU C 129 -0.59 -20.85 28.38
C LEU C 129 0.80 -20.45 27.92
N VAL C 130 1.02 -19.16 27.69
CA VAL C 130 2.35 -18.67 27.34
C VAL C 130 3.39 -19.15 28.35
N ASP C 131 3.09 -19.03 29.64
CA ASP C 131 3.94 -19.55 30.72
C ASP C 131 4.26 -21.04 30.76
N ASN C 132 3.28 -21.93 30.60
CA ASN C 132 3.61 -23.37 30.50
C ASN C 132 4.49 -23.68 29.28
N LEU C 133 4.24 -23.03 28.15
CA LEU C 133 4.97 -23.34 26.93
C LEU C 133 6.45 -22.92 27.07
N TYR C 134 6.69 -21.76 27.69
CA TYR C 134 8.05 -21.36 27.93
C TYR C 134 8.72 -22.39 28.84
N VAL C 135 8.10 -22.66 30.01
CA VAL C 135 8.78 -23.52 30.96
C VAL C 135 9.10 -24.92 30.39
N GLU C 136 8.26 -25.40 29.48
CA GLU C 136 8.37 -26.74 28.97
C GLU C 136 9.24 -26.81 27.75
N ASN C 137 9.48 -25.62 27.17
CA ASN C 137 10.12 -25.47 25.88
C ASN C 137 9.30 -26.13 24.78
N HIS C 138 8.00 -25.87 24.80
CA HIS C 138 7.10 -26.34 23.78
C HIS C 138 6.72 -25.20 22.87
N TYR C 139 6.25 -25.56 21.68
CA TYR C 139 5.59 -24.60 20.80
C TYR C 139 4.13 -25.03 20.57
N LEU C 140 3.27 -24.04 20.28
CA LEU C 140 1.83 -24.30 20.15
C LEU C 140 1.33 -23.68 18.88
N LEU C 141 0.76 -24.53 18.02
CA LEU C 141 0.23 -24.11 16.75
C LEU C 141 -1.28 -24.36 16.79
N VAL C 142 -2.06 -23.31 16.66
CA VAL C 142 -3.52 -23.43 16.79
C VAL C 142 -4.20 -23.15 15.46
N ILE C 143 -5.07 -24.07 15.04
CA ILE C 143 -5.87 -23.92 13.84
C ILE C 143 -7.21 -23.39 14.34
N LEU C 144 -7.55 -22.16 13.95
CA LEU C 144 -8.84 -21.61 14.29
C LEU C 144 -9.57 -21.78 12.99
N ASP C 145 -10.43 -22.78 12.91
CA ASP C 145 -11.19 -23.11 11.70
C ASP C 145 -12.52 -22.34 11.65
N GLU C 146 -13.12 -22.26 10.44
CA GLU C 146 -14.33 -21.45 10.22
C GLU C 146 -14.15 -20.04 10.71
N PHE C 147 -12.93 -19.52 10.56
CA PHE C 147 -12.62 -18.21 11.13
C PHE C 147 -13.55 -17.05 10.70
N GLN C 148 -14.04 -17.13 9.47
CA GLN C 148 -14.99 -16.14 8.94
C GLN C 148 -16.23 -15.99 9.86
N SER C 149 -16.64 -17.07 10.51
CA SER C 149 -17.80 -16.99 11.44
C SER C 149 -17.54 -16.20 12.72
N MET C 150 -16.29 -16.12 13.15
CA MET C 150 -15.92 -15.28 14.29
C MET C 150 -15.99 -13.81 13.88
N LEU C 151 -16.01 -13.60 12.57
CA LEU C 151 -16.10 -12.27 11.99
C LEU C 151 -17.54 -11.90 11.83
N SER C 152 -18.31 -12.81 11.20
CA SER C 152 -19.76 -12.72 10.95
C SER C 152 -20.64 -12.41 12.19
N SER C 153 -20.00 -12.02 13.28
CA SER C 153 -20.66 -11.63 14.50
C SER C 153 -19.86 -10.53 15.24
N PRO C 154 -20.59 -9.67 15.95
CA PRO C 154 -20.02 -8.85 17.03
C PRO C 154 -20.19 -9.45 18.46
N ARG C 155 -20.67 -10.70 18.60
CA ARG C 155 -20.77 -11.33 19.92
C ARG C 155 -19.44 -11.96 20.36
N ILE C 156 -18.71 -12.49 19.37
CA ILE C 156 -17.27 -12.34 19.36
C ILE C 156 -17.17 -10.88 18.93
N ALA C 157 -16.68 -10.03 19.83
CA ALA C 157 -16.46 -8.63 19.53
C ALA C 157 -15.08 -8.47 18.90
N ALA C 158 -14.83 -7.29 18.34
CA ALA C 158 -13.56 -6.98 17.70
C ALA C 158 -12.38 -7.06 18.70
N GLU C 159 -12.67 -6.75 19.95
CA GLU C 159 -11.67 -6.64 21.00
C GLU C 159 -11.14 -8.01 21.44
N ASP C 160 -12.01 -9.01 21.47
CA ASP C 160 -11.55 -10.37 21.70
C ASP C 160 -10.48 -10.75 20.70
N LEU C 161 -10.74 -10.48 19.41
CA LEU C 161 -9.77 -10.82 18.37
C LEU C 161 -8.48 -10.05 18.56
N TYR C 162 -8.57 -8.78 18.98
CA TYR C 162 -7.41 -7.90 19.17
C TYR C 162 -6.57 -8.56 20.31
N THR C 163 -7.26 -9.16 21.29
CA THR C 163 -6.58 -9.91 22.36
C THR C 163 -6.08 -11.31 22.02
N LEU C 164 -6.82 -12.04 21.19
CA LEU C 164 -6.47 -13.42 20.89
C LEU C 164 -5.30 -13.46 19.93
N LEU C 165 -5.37 -12.61 18.91
CA LEU C 165 -4.40 -12.64 17.83
C LEU C 165 -3.17 -11.75 18.09
N ARG C 166 -3.09 -11.19 19.28
CA ARG C 166 -1.95 -10.40 19.66
C ARG C 166 -1.51 -10.79 21.05
N VAL C 167 -1.18 -12.06 21.20
CA VAL C 167 -0.47 -12.53 22.38
C VAL C 167 0.91 -11.89 22.49
N HIS C 168 1.74 -12.06 21.46
CA HIS C 168 3.17 -11.70 21.50
C HIS C 168 3.50 -10.19 21.31
N GLU C 169 2.61 -9.30 21.72
CA GLU C 169 2.88 -7.86 21.69
C GLU C 169 2.33 -7.30 22.99
N GLU C 170 1.60 -8.17 23.69
CA GLU C 170 0.72 -7.83 24.81
C GLU C 170 1.00 -8.78 26.01
N ILE C 171 1.28 -10.05 25.72
CA ILE C 171 1.91 -10.95 26.69
C ILE C 171 3.23 -11.54 26.16
N PRO C 172 4.37 -10.91 26.44
CA PRO C 172 5.65 -11.38 25.89
C PRO C 172 6.20 -12.55 26.70
N SER C 173 6.78 -13.54 26.03
CA SER C 173 7.37 -14.66 26.74
C SER C 173 8.58 -14.20 27.52
N ARG C 174 8.95 -14.97 28.54
CA ARG C 174 10.10 -14.62 29.36
C ARG C 174 11.38 -14.72 28.51
N ASP C 175 11.52 -15.80 27.75
CA ASP C 175 12.69 -15.98 26.88
C ASP C 175 12.64 -15.10 25.64
N GLY C 176 11.73 -14.12 25.59
CA GLY C 176 11.56 -13.32 24.38
C GLY C 176 11.17 -14.13 23.13
N VAL C 177 11.22 -15.46 23.22
CA VAL C 177 10.83 -16.32 22.09
C VAL C 177 9.32 -16.59 22.11
N ASN C 178 8.67 -16.21 21.02
CA ASN C 178 7.22 -16.34 20.90
C ASN C 178 6.75 -17.75 20.52
N ARG C 179 5.86 -18.31 21.33
CA ARG C 179 5.53 -19.75 21.25
C ARG C 179 4.13 -20.17 20.80
N ILE C 180 3.26 -19.21 20.49
CA ILE C 180 1.90 -19.51 20.06
C ILE C 180 1.64 -19.01 18.65
N GLY C 181 1.40 -19.91 17.74
CA GLY C 181 1.15 -19.51 16.37
C GLY C 181 -0.28 -19.82 16.01
N PHE C 182 -0.94 -18.92 15.30
CA PHE C 182 -2.30 -19.23 14.79
C PHE C 182 -2.34 -19.32 13.29
N LEU C 183 -3.11 -20.32 12.87
CA LEU C 183 -3.37 -20.62 11.49
C LEU C 183 -4.90 -20.38 11.26
N LEU C 184 -5.23 -19.19 10.82
CA LEU C 184 -6.62 -18.86 10.49
C LEU C 184 -7.05 -19.60 9.23
N VAL C 185 -8.32 -20.03 9.25
CA VAL C 185 -8.90 -20.76 8.10
C VAL C 185 -10.23 -20.15 7.72
N ALA C 186 -10.28 -19.45 6.59
CA ALA C 186 -11.53 -18.77 6.26
C ALA C 186 -12.12 -19.26 4.94
N SER C 187 -13.44 -19.08 4.77
CA SER C 187 -14.10 -19.67 3.60
C SER C 187 -13.64 -19.06 2.29
N ASP C 188 -13.44 -17.74 2.26
CA ASP C 188 -13.04 -17.08 1.01
C ASP C 188 -12.42 -15.71 1.30
N VAL C 189 -11.97 -15.03 0.25
CA VAL C 189 -11.22 -13.79 0.43
C VAL C 189 -12.04 -12.68 1.09
N ARG C 190 -13.35 -12.86 1.15
CA ARG C 190 -14.21 -11.85 1.74
C ARG C 190 -13.92 -11.64 3.23
N ALA C 191 -13.53 -12.70 3.92
CA ALA C 191 -13.11 -12.58 5.33
C ALA C 191 -11.87 -11.67 5.42
N LEU C 192 -10.94 -11.82 4.47
CA LEU C 192 -9.78 -10.95 4.45
C LEU C 192 -10.21 -9.50 4.26
N SER C 193 -11.07 -9.20 3.29
CA SER C 193 -11.49 -7.82 3.06
C SER C 193 -12.16 -7.20 4.25
N TYR C 194 -13.03 -7.98 4.87
CA TYR C 194 -13.70 -7.58 6.11
C TYR C 194 -12.66 -7.28 7.19
N MET C 195 -11.65 -8.14 7.31
CA MET C 195 -10.54 -7.81 8.22
C MET C 195 -9.85 -6.48 7.87
N ARG C 196 -9.52 -6.22 6.60
CA ARG C 196 -8.97 -4.91 6.28
C ARG C 196 -9.82 -3.76 6.86
N GLU C 197 -11.09 -3.69 6.47
CA GLU C 197 -12.05 -2.66 6.94
C GLU C 197 -12.30 -2.61 8.47
N LYS C 198 -12.78 -3.71 9.04
CA LYS C 198 -13.20 -3.74 10.44
C LYS C 198 -12.02 -3.56 11.37
N ILE C 199 -11.07 -4.51 11.31
CA ILE C 199 -9.94 -4.55 12.22
C ILE C 199 -8.58 -4.57 11.51
N PRO C 200 -8.19 -3.50 10.83
CA PRO C 200 -6.92 -3.50 10.06
C PRO C 200 -5.67 -3.78 10.92
N GLN C 201 -5.75 -3.50 12.22
CA GLN C 201 -4.63 -3.77 13.12
C GLN C 201 -4.46 -5.27 13.34
N VAL C 202 -5.56 -6.03 13.31
CA VAL C 202 -5.45 -7.48 13.39
C VAL C 202 -5.19 -8.14 12.05
N GLU C 203 -5.69 -7.55 10.96
CA GLU C 203 -5.31 -8.00 9.62
C GLU C 203 -3.80 -7.93 9.44
N SER C 204 -3.14 -6.96 10.04
CA SER C 204 -1.74 -6.76 9.74
C SER C 204 -0.81 -7.76 10.46
N GLN C 205 -1.32 -8.63 11.31
CA GLN C 205 -0.43 -9.71 11.76
C GLN C 205 -0.32 -10.84 10.80
N ILE C 206 -1.26 -10.91 9.86
CA ILE C 206 -1.27 -12.03 8.95
C ILE C 206 0.06 -12.03 8.20
N GLY C 207 0.82 -13.12 8.36
CA GLY C 207 2.05 -13.36 7.61
C GLY C 207 1.74 -13.90 6.22
N PHE C 208 1.35 -15.17 6.08
CA PHE C 208 1.06 -15.67 4.73
C PHE C 208 -0.42 -15.87 4.53
N LYS C 209 -0.85 -15.80 3.28
CA LYS C 209 -2.23 -16.14 2.94
C LYS C 209 -2.15 -17.05 1.76
N LEU C 210 -2.76 -18.22 1.89
CA LEU C 210 -2.76 -19.15 0.76
C LEU C 210 -4.16 -19.40 0.26
N HIS C 211 -4.38 -19.10 -1.00
CA HIS C 211 -5.63 -19.35 -1.68
C HIS C 211 -5.68 -20.75 -2.28
N LEU C 212 -6.72 -21.47 -1.89
CA LEU C 212 -6.91 -22.83 -2.34
C LEU C 212 -8.09 -22.84 -3.34
N PRO C 213 -7.89 -23.35 -4.56
CA PRO C 213 -8.99 -23.41 -5.53
C PRO C 213 -9.80 -24.73 -5.42
N ALA C 214 -10.96 -24.74 -6.06
CA ALA C 214 -11.76 -25.92 -6.27
C ALA C 214 -11.00 -27.01 -7.01
N TYR C 215 -11.36 -28.26 -6.70
CA TYR C 215 -10.68 -29.40 -7.31
C TYR C 215 -11.18 -29.73 -8.71
N LYS C 216 -10.24 -30.13 -9.56
CA LYS C 216 -10.59 -30.63 -10.87
C LYS C 216 -10.85 -32.12 -10.74
N SER C 217 -11.29 -32.72 -11.85
CA SER C 217 -11.67 -34.12 -11.92
C SER C 217 -10.50 -35.03 -11.65
N ARG C 218 -9.34 -34.69 -12.21
CA ARG C 218 -8.12 -35.46 -12.06
C ARG C 218 -7.62 -35.38 -10.64
N GLU C 219 -7.95 -34.27 -9.97
CA GLU C 219 -7.65 -34.03 -8.56
C GLU C 219 -8.55 -34.84 -7.63
N LEU C 220 -9.86 -34.81 -7.86
CA LEU C 220 -10.81 -35.69 -7.19
C LEU C 220 -10.50 -37.17 -7.36
N TYR C 221 -10.12 -37.54 -8.57
CA TYR C 221 -9.74 -38.91 -8.84
C TYR C 221 -8.70 -39.33 -7.83
N THR C 222 -7.58 -38.60 -7.82
CA THR C 222 -6.48 -38.93 -6.91
C THR C 222 -6.91 -39.04 -5.44
N ILE C 223 -7.87 -38.21 -5.05
CA ILE C 223 -8.35 -38.21 -3.68
C ILE C 223 -9.20 -39.48 -3.42
N LEU C 224 -10.22 -39.70 -4.25
CA LEU C 224 -11.05 -40.90 -4.16
C LEU C 224 -10.23 -42.17 -4.18
N GLU C 225 -9.26 -42.24 -5.09
CA GLU C 225 -8.35 -43.40 -5.19
C GLU C 225 -7.68 -43.71 -3.84
N GLN C 226 -7.24 -42.65 -3.17
CA GLN C 226 -6.59 -42.75 -1.86
C GLN C 226 -7.57 -43.28 -0.81
N ARG C 227 -8.80 -42.77 -0.83
CA ARG C 227 -9.83 -43.29 0.07
C ARG C 227 -10.06 -44.76 -0.21
N ALA C 228 -10.12 -45.12 -1.49
CA ALA C 228 -10.30 -46.50 -1.90
C ALA C 228 -9.20 -47.42 -1.38
N GLU C 229 -7.93 -47.03 -1.58
CA GLU C 229 -6.80 -47.86 -1.16
C GLU C 229 -6.76 -48.05 0.35
N LEU C 230 -7.21 -47.04 1.09
CA LEU C 230 -7.20 -47.09 2.56
C LEU C 230 -8.47 -47.69 3.20
N GLY C 231 -9.65 -47.40 2.65
CA GLY C 231 -10.89 -47.86 3.29
C GLY C 231 -11.69 -49.00 2.65
N LEU C 232 -11.38 -49.35 1.40
CA LEU C 232 -12.17 -50.31 0.62
C LEU C 232 -11.38 -51.57 0.39
N ARG C 233 -12.07 -52.72 0.41
CA ARG C 233 -11.41 -54.01 0.05
C ARG C 233 -11.03 -53.97 -1.41
N ASP C 234 -9.90 -54.57 -1.74
CA ASP C 234 -9.25 -54.41 -3.04
C ASP C 234 -10.07 -54.79 -4.29
N THR C 235 -10.99 -55.73 -4.14
CA THR C 235 -11.74 -56.34 -5.24
C THR C 235 -12.97 -55.54 -5.54
N VAL C 236 -13.25 -54.59 -4.66
CA VAL C 236 -14.55 -53.94 -4.57
C VAL C 236 -14.79 -52.83 -5.62
N TRP C 237 -13.72 -52.29 -6.17
CA TRP C 237 -13.81 -51.07 -6.96
C TRP C 237 -12.89 -51.10 -8.16
N GLU C 238 -13.22 -50.25 -9.12
CA GLU C 238 -12.53 -50.19 -10.39
C GLU C 238 -12.31 -48.72 -10.61
N PRO C 239 -11.14 -48.35 -11.15
CA PRO C 239 -10.84 -46.93 -11.35
C PRO C 239 -11.98 -46.19 -12.04
N ARG C 240 -12.66 -46.81 -13.02
CA ARG C 240 -13.78 -46.10 -13.68
C ARG C 240 -14.86 -45.71 -12.70
N HIS C 241 -15.04 -46.50 -11.65
CA HIS C 241 -16.13 -46.19 -10.71
C HIS C 241 -15.84 -44.79 -10.14
N LEU C 242 -14.57 -44.52 -9.86
CA LEU C 242 -14.21 -43.29 -9.17
C LEU C 242 -14.08 -42.14 -10.16
N GLU C 243 -13.66 -42.48 -11.39
CA GLU C 243 -13.58 -41.53 -12.53
C GLU C 243 -14.92 -40.92 -12.81
N LEU C 244 -15.96 -41.67 -12.43
CA LEU C 244 -17.36 -41.27 -12.57
C LEU C 244 -17.76 -40.20 -11.57
N ILE C 245 -17.39 -40.42 -10.31
CA ILE C 245 -17.66 -39.46 -9.26
C ILE C 245 -16.80 -38.21 -9.56
N SER C 246 -15.58 -38.43 -10.03
CA SER C 246 -14.67 -37.35 -10.37
C SER C 246 -15.24 -36.44 -11.45
N ASP C 247 -15.82 -37.03 -12.51
CA ASP C 247 -16.41 -36.26 -13.60
C ASP C 247 -17.73 -35.63 -13.24
N VAL C 248 -18.39 -36.13 -12.19
CA VAL C 248 -19.61 -35.48 -11.77
C VAL C 248 -19.30 -34.18 -11.02
N TYR C 249 -18.39 -34.25 -10.06
CA TYR C 249 -18.14 -33.13 -9.16
C TYR C 249 -16.94 -32.24 -9.53
N GLY C 250 -16.06 -32.72 -10.42
CA GLY C 250 -14.88 -31.97 -10.82
C GLY C 250 -15.20 -30.61 -11.42
N GLU C 251 -14.46 -29.58 -11.01
CA GLU C 251 -14.80 -28.20 -11.38
C GLU C 251 -14.67 -27.95 -12.88
N ASP C 252 -13.68 -28.56 -13.51
CA ASP C 252 -13.43 -28.40 -14.95
C ASP C 252 -14.51 -29.06 -15.83
N LYS C 253 -15.34 -29.90 -15.23
CA LYS C 253 -16.39 -30.65 -15.94
C LYS C 253 -17.74 -30.13 -15.52
N GLY C 254 -17.76 -28.98 -14.86
CA GLY C 254 -19.02 -28.37 -14.45
C GLY C 254 -19.53 -28.74 -13.08
N GLY C 255 -18.71 -29.40 -12.27
CA GLY C 255 -19.15 -29.67 -10.91
C GLY C 255 -18.80 -28.56 -9.94
N ASP C 256 -19.22 -28.78 -8.70
CA ASP C 256 -18.81 -28.09 -7.48
C ASP C 256 -17.32 -27.91 -7.25
N GLY C 257 -16.50 -28.92 -7.60
CA GLY C 257 -15.11 -28.95 -7.20
C GLY C 257 -14.86 -29.45 -5.78
N SER C 258 -15.91 -30.00 -5.18
CA SER C 258 -15.84 -30.46 -3.81
C SER C 258 -15.47 -31.95 -3.62
N ALA C 259 -14.35 -32.18 -2.91
CA ALA C 259 -14.01 -33.53 -2.49
C ALA C 259 -14.91 -34.07 -1.34
N ARG C 260 -15.55 -33.21 -0.56
CA ARG C 260 -16.49 -33.75 0.43
C ARG C 260 -17.65 -34.46 -0.29
N ARG C 261 -18.19 -33.83 -1.33
CA ARG C 261 -19.31 -34.40 -2.07
C ARG C 261 -18.94 -35.69 -2.76
N ALA C 262 -17.79 -35.70 -3.43
CA ALA C 262 -17.24 -36.90 -4.03
C ALA C 262 -17.03 -38.06 -3.06
N ILE C 263 -16.36 -37.80 -1.95
CA ILE C 263 -16.06 -38.80 -0.93
C ILE C 263 -17.32 -39.41 -0.31
N VAL C 264 -18.31 -38.57 -0.07
CA VAL C 264 -19.58 -39.04 0.47
C VAL C 264 -20.33 -39.86 -0.60
N ALA C 265 -20.25 -39.46 -1.86
CA ALA C 265 -20.84 -40.23 -2.92
C ALA C 265 -20.24 -41.63 -2.99
N LEU C 266 -18.91 -41.72 -2.84
CA LEU C 266 -18.24 -43.00 -2.76
C LEU C 266 -18.74 -43.77 -1.54
N LYS C 267 -18.77 -43.13 -0.37
CA LYS C 267 -19.17 -43.83 0.85
C LYS C 267 -20.55 -44.46 0.66
N MET C 268 -21.51 -43.66 0.16
CA MET C 268 -22.91 -44.03 0.01
C MET C 268 -23.15 -45.21 -0.98
N ALA C 269 -22.57 -45.12 -2.16
CA ALA C 269 -22.60 -46.19 -3.15
C ALA C 269 -22.16 -47.52 -2.54
N CYS C 270 -21.10 -47.45 -1.74
CA CYS C 270 -20.62 -48.58 -1.00
C CYS C 270 -21.57 -49.03 0.07
N GLU C 271 -22.19 -48.08 0.76
CA GLU C 271 -23.19 -48.49 1.78
C GLU C 271 -24.35 -49.19 1.08
N MET C 272 -24.76 -48.66 -0.07
CA MET C 272 -25.87 -49.25 -0.83
C MET C 272 -25.59 -50.72 -1.18
N ALA C 273 -24.38 -50.97 -1.67
CA ALA C 273 -24.05 -52.27 -2.21
C ALA C 273 -24.00 -53.28 -1.10
N GLU C 274 -23.48 -52.84 0.04
CA GLU C 274 -23.31 -53.67 1.22
C GLU C 274 -24.70 -53.98 1.78
N ALA C 275 -25.55 -52.95 1.80
CA ALA C 275 -26.92 -53.13 2.29
C ALA C 275 -27.65 -54.18 1.45
N MET C 276 -27.24 -54.28 0.18
CA MET C 276 -27.88 -55.13 -0.84
C MET C 276 -27.16 -56.49 -1.06
N GLY C 277 -26.17 -56.79 -0.23
CA GLY C 277 -25.38 -58.01 -0.35
C GLY C 277 -24.48 -58.12 -1.59
N ARG C 278 -24.18 -56.99 -2.23
CA ARG C 278 -23.31 -57.03 -3.40
C ARG C 278 -21.85 -57.24 -3.02
N ASP C 279 -21.09 -57.93 -3.86
CA ASP C 279 -19.66 -58.12 -3.55
C ASP C 279 -18.68 -57.07 -4.13
N SER C 280 -19.22 -56.09 -4.86
CA SER C 280 -18.43 -54.99 -5.36
C SER C 280 -19.31 -53.83 -5.86
N LEU C 281 -18.62 -52.76 -6.25
CA LEU C 281 -19.27 -51.55 -6.73
C LEU C 281 -19.70 -51.69 -8.18
N SER C 282 -20.88 -51.16 -8.49
CA SER C 282 -21.33 -51.08 -9.87
C SER C 282 -21.82 -49.64 -10.19
N GLU C 283 -21.77 -49.27 -11.47
CA GLU C 283 -22.04 -47.89 -11.87
C GLU C 283 -23.46 -47.47 -11.52
N ASP C 284 -24.40 -48.41 -11.58
CA ASP C 284 -25.80 -48.20 -11.21
C ASP C 284 -25.91 -47.55 -9.83
N LEU C 285 -25.25 -48.16 -8.86
CA LEU C 285 -25.26 -47.65 -7.50
C LEU C 285 -24.52 -46.33 -7.39
N VAL C 286 -23.32 -46.25 -7.99
CA VAL C 286 -22.60 -44.96 -8.02
C VAL C 286 -23.56 -43.87 -8.50
N ARG C 287 -24.20 -44.11 -9.65
CA ARG C 287 -25.17 -43.18 -10.24
C ARG C 287 -26.29 -42.78 -9.28
N LYS C 288 -26.70 -43.69 -8.40
CA LYS C 288 -27.80 -43.44 -7.52
C LYS C 288 -27.33 -42.61 -6.35
N ALA C 289 -26.19 -43.00 -5.77
CA ALA C 289 -25.60 -42.22 -4.70
C ALA C 289 -25.47 -40.74 -5.13
N VAL C 290 -24.89 -40.49 -6.30
CA VAL C 290 -24.84 -39.14 -6.91
C VAL C 290 -26.20 -38.42 -6.91
N SER C 291 -27.29 -39.18 -7.12
CA SER C 291 -28.64 -38.59 -7.24
C SER C 291 -29.24 -38.13 -5.93
N GLU C 292 -29.10 -38.92 -4.86
CA GLU C 292 -29.72 -38.56 -3.58
C GLU C 292 -28.85 -37.58 -2.79
N ASN C 293 -27.55 -37.81 -2.84
CA ASN C 293 -26.57 -36.90 -2.27
C ASN C 293 -26.60 -35.63 -3.12
N GLU C 294 -26.99 -34.52 -2.75
N ILE C 298 -29.43 -20.89 -0.01
CA ILE C 298 -30.58 -21.74 -0.46
C ILE C 298 -31.94 -21.06 -0.20
N GLN C 299 -32.73 -20.91 -1.27
CA GLN C 299 -34.09 -20.33 -1.21
C GLN C 299 -34.17 -18.99 -0.44
N THR C 300 -33.14 -18.16 -0.62
CA THR C 300 -32.93 -16.93 0.15
C THR C 300 -34.19 -16.10 0.49
N HIS C 301 -35.13 -16.01 -0.45
CA HIS C 301 -36.26 -15.08 -0.34
C HIS C 301 -37.22 -15.46 0.81
N GLU C 302 -37.60 -16.73 0.85
CA GLU C 302 -38.61 -17.25 1.78
C GLU C 302 -38.13 -17.22 3.25
N LEU C 303 -36.83 -17.04 3.44
CA LEU C 303 -36.21 -16.82 4.75
C LEU C 303 -36.22 -15.35 5.16
N GLU C 304 -36.47 -14.47 4.19
CA GLU C 304 -36.48 -13.01 4.40
C GLU C 304 -37.83 -12.55 4.92
N ALA C 305 -38.85 -13.34 4.57
CA ALA C 305 -40.22 -13.12 5.02
C ALA C 305 -40.35 -13.42 6.51
N LEU C 306 -39.44 -14.24 7.02
CA LEU C 306 -39.34 -14.58 8.44
C LEU C 306 -39.23 -13.33 9.26
N SER C 307 -39.80 -13.35 10.46
CA SER C 307 -39.54 -12.26 11.39
C SER C 307 -38.23 -12.54 12.14
N ILE C 308 -37.71 -11.51 12.82
CA ILE C 308 -36.44 -11.61 13.54
C ILE C 308 -36.31 -12.76 14.56
N HIS C 309 -37.34 -12.96 15.36
CA HIS C 309 -37.38 -14.01 16.37
C HIS C 309 -37.19 -15.39 15.74
N GLU C 310 -37.89 -15.63 14.64
CA GLU C 310 -37.78 -16.87 13.86
C GLU C 310 -36.35 -17.05 13.44
N LEU C 311 -35.83 -15.98 12.82
CA LEU C 311 -34.47 -15.88 12.33
C LEU C 311 -33.49 -16.17 13.46
N ILE C 312 -33.66 -15.49 14.58
CA ILE C 312 -32.85 -15.83 15.78
C ILE C 312 -32.88 -17.33 16.09
N ILE C 313 -34.09 -17.89 16.28
CA ILE C 313 -34.28 -19.29 16.69
C ILE C 313 -33.66 -20.26 15.69
N LEU C 314 -33.85 -19.96 14.42
CA LEU C 314 -33.22 -20.75 13.39
C LEU C 314 -31.70 -20.72 13.52
N ARG C 315 -31.11 -19.53 13.72
CA ARG C 315 -29.66 -19.44 13.88
C ARG C 315 -29.19 -20.30 15.07
N LEU C 316 -29.99 -20.30 16.12
CA LEU C 316 -29.73 -21.08 17.34
C LEU C 316 -29.85 -22.58 17.15
N ILE C 317 -30.76 -23.00 16.26
CA ILE C 317 -30.91 -24.40 15.91
C ILE C 317 -29.74 -24.88 15.04
N ALA C 318 -29.45 -24.15 13.97
CA ALA C 318 -28.30 -24.45 13.10
C ALA C 318 -27.02 -24.55 13.91
N GLU C 319 -26.75 -23.51 14.70
CA GLU C 319 -25.51 -23.43 15.49
C GLU C 319 -25.28 -24.71 16.30
N ALA C 320 -26.36 -25.27 16.85
CA ALA C 320 -26.30 -26.50 17.67
C ALA C 320 -26.07 -27.78 16.88
N THR C 321 -26.63 -27.84 15.66
CA THR C 321 -26.36 -28.91 14.68
C THR C 321 -24.88 -28.82 14.32
N LEU C 322 -24.47 -27.65 13.83
CA LEU C 322 -23.06 -27.29 13.64
C LEU C 322 -22.15 -27.55 14.86
N GLY C 323 -22.71 -27.57 16.07
CA GLY C 323 -21.91 -27.79 17.28
C GLY C 323 -21.75 -29.24 17.69
N GLY C 324 -22.49 -30.15 17.05
CA GLY C 324 -22.50 -31.56 17.40
C GLY C 324 -23.72 -32.05 18.19
N MET C 325 -24.71 -31.18 18.35
CA MET C 325 -25.96 -31.56 19.02
C MET C 325 -27.14 -31.52 18.03
N GLU C 326 -27.35 -32.62 17.31
CA GLU C 326 -28.61 -32.86 16.60
C GLU C 326 -29.65 -32.89 17.72
N TRP C 327 -30.78 -32.22 17.52
CA TRP C 327 -31.86 -32.24 18.49
C TRP C 327 -31.51 -31.44 19.75
N ILE C 328 -31.94 -30.18 19.79
CA ILE C 328 -31.85 -29.38 20.99
C ILE C 328 -33.15 -29.48 21.81
N ASN C 329 -32.99 -29.48 23.13
CA ASN C 329 -34.09 -29.59 24.07
C ASN C 329 -34.95 -28.31 24.07
N ALA C 330 -36.27 -28.48 24.08
CA ALA C 330 -37.23 -27.35 24.12
C ALA C 330 -36.74 -26.22 25.04
N GLY C 331 -36.74 -26.51 26.34
CA GLY C 331 -36.28 -25.57 27.36
C GLY C 331 -34.92 -24.97 27.04
N LEU C 332 -33.99 -25.80 26.55
CA LEU C 332 -32.66 -25.31 26.16
C LEU C 332 -32.70 -24.25 25.05
N LEU C 333 -33.31 -24.57 23.89
CA LEU C 333 -33.37 -23.61 22.79
C LEU C 333 -34.05 -22.29 23.22
N ARG C 334 -35.19 -22.44 23.87
CA ARG C 334 -35.88 -21.39 24.62
C ARG C 334 -34.92 -20.64 25.58
N GLN C 335 -34.07 -21.41 26.29
CA GLN C 335 -33.03 -20.89 27.19
C GLN C 335 -32.07 -19.97 26.41
N ARG C 336 -31.57 -20.45 25.27
CA ARG C 336 -30.63 -19.69 24.42
C ARG C 336 -31.31 -18.58 23.64
N TYR C 337 -32.60 -18.75 23.41
CA TYR C 337 -33.37 -17.74 22.70
C TYR C 337 -33.49 -16.52 23.58
N GLU C 338 -33.97 -16.74 24.81
CA GLU C 338 -34.06 -15.70 25.84
C GLU C 338 -32.68 -15.03 26.10
N ASP C 339 -31.62 -15.84 26.11
CA ASP C 339 -30.26 -15.30 26.25
C ASP C 339 -29.94 -14.33 25.11
N ALA C 340 -30.03 -14.81 23.88
CA ALA C 340 -29.53 -14.06 22.71
C ALA C 340 -30.31 -12.78 22.43
N SER C 341 -31.62 -12.80 22.65
CA SER C 341 -32.44 -11.61 22.44
C SER C 341 -32.01 -10.44 23.34
N LEU C 342 -31.61 -10.78 24.56
CA LEU C 342 -31.05 -9.82 25.50
C LEU C 342 -29.68 -9.33 25.02
N THR C 343 -28.67 -10.21 25.14
CA THR C 343 -27.23 -9.87 25.08
C THR C 343 -26.58 -9.80 23.68
N MET C 344 -27.32 -10.15 22.64
CA MET C 344 -26.76 -10.19 21.29
C MET C 344 -27.54 -9.33 20.30
N TYR C 345 -28.87 -9.46 20.30
CA TYR C 345 -29.72 -8.82 19.28
C TYR C 345 -30.59 -7.70 19.86
N ASN C 346 -30.56 -7.53 21.19
CA ASN C 346 -31.26 -6.45 21.91
C ASN C 346 -32.80 -6.40 21.77
N VAL C 347 -33.44 -7.56 21.59
CA VAL C 347 -34.91 -7.64 21.47
C VAL C 347 -35.55 -8.33 22.69
N LYS C 348 -36.79 -7.99 22.97
CA LYS C 348 -37.54 -8.64 24.05
C LYS C 348 -38.10 -9.98 23.57
N PRO C 349 -37.83 -11.04 24.37
CA PRO C 349 -38.26 -12.42 24.05
C PRO C 349 -39.76 -12.65 24.23
N ARG C 350 -40.47 -12.90 23.12
CA ARG C 350 -41.90 -13.15 23.21
C ARG C 350 -42.12 -14.41 24.04
N GLY C 351 -43.20 -14.42 24.81
CA GLY C 351 -43.52 -15.51 25.72
C GLY C 351 -43.88 -16.80 25.02
N TYR C 352 -44.37 -17.77 25.78
CA TYR C 352 -44.54 -19.16 25.33
C TYR C 352 -45.46 -19.36 24.11
N THR C 353 -46.70 -18.85 24.20
CA THR C 353 -47.69 -18.88 23.10
C THR C 353 -47.11 -18.44 21.75
N GLN C 354 -46.38 -17.34 21.73
CA GLN C 354 -45.86 -16.76 20.48
C GLN C 354 -44.61 -17.47 19.96
N TYR C 355 -43.79 -17.94 20.89
CA TYR C 355 -42.56 -18.65 20.58
C TYR C 355 -42.91 -19.99 19.95
N HIS C 356 -43.95 -20.63 20.49
CA HIS C 356 -44.49 -21.86 19.91
C HIS C 356 -45.10 -21.67 18.53
N ILE C 357 -45.70 -20.50 18.26
CA ILE C 357 -46.19 -20.19 16.90
C ILE C 357 -45.03 -20.20 15.88
N TYR C 358 -44.00 -19.38 16.16
CA TYR C 358 -42.69 -19.40 15.51
C TYR C 358 -42.12 -20.80 15.19
N LEU C 359 -41.96 -21.63 16.24
CA LEU C 359 -41.51 -23.03 16.09
C LEU C 359 -42.40 -23.84 15.16
N LYS C 360 -43.71 -23.65 15.28
CA LYS C 360 -44.69 -24.39 14.45
C LYS C 360 -44.55 -23.92 13.00
N HIS C 361 -44.42 -22.59 12.82
CA HIS C 361 -44.13 -21.98 11.53
C HIS C 361 -42.81 -22.44 10.91
N LEU C 362 -41.72 -22.48 11.68
CA LEU C 362 -40.48 -22.98 11.10
C LEU C 362 -40.70 -24.45 10.64
N THR C 363 -41.45 -25.20 11.44
CA THR C 363 -41.85 -26.59 11.13
C THR C 363 -42.68 -26.70 9.86
N SER C 364 -43.78 -25.96 9.80
CA SER C 364 -44.64 -25.96 8.62
C SER C 364 -43.84 -25.63 7.36
N LEU C 365 -42.92 -24.65 7.46
CA LEU C 365 -42.03 -24.29 6.37
C LEU C 365 -41.04 -25.39 5.96
N GLY C 366 -40.85 -26.40 6.81
CA GLY C 366 -39.99 -27.53 6.50
C GLY C 366 -38.52 -27.28 6.78
N LEU C 367 -38.22 -26.38 7.71
CA LEU C 367 -36.84 -25.97 8.02
C LEU C 367 -36.29 -26.65 9.26
N VAL C 368 -37.18 -26.89 10.23
CA VAL C 368 -36.88 -27.62 11.45
C VAL C 368 -37.83 -28.82 11.62
N ASP C 369 -37.44 -29.80 12.46
CA ASP C 369 -38.30 -30.92 12.79
C ASP C 369 -38.61 -30.95 14.28
N ALA C 370 -39.89 -31.10 14.60
CA ALA C 370 -40.33 -31.40 15.95
C ALA C 370 -40.43 -32.92 16.10
N LYS C 371 -40.14 -33.43 17.31
CA LYS C 371 -40.16 -34.87 17.57
C LYS C 371 -41.12 -35.23 18.68
N PRO C 372 -42.04 -36.17 18.38
CA PRO C 372 -42.85 -36.82 19.42
C PRO C 372 -42.00 -37.47 20.53
N SER C 373 -41.08 -38.38 20.15
CA SER C 373 -40.17 -39.03 21.12
C SER C 373 -38.74 -39.21 20.58
N THR C 381 -39.78 -30.62 27.18
CA THR C 381 -40.08 -31.92 26.60
C THR C 381 -39.25 -32.15 25.33
N THR C 382 -39.73 -31.53 24.24
CA THR C 382 -39.48 -32.02 22.90
C THR C 382 -38.22 -31.48 22.23
N LEU C 383 -37.67 -32.28 21.33
CA LEU C 383 -36.42 -31.98 20.66
C LEU C 383 -36.68 -31.35 19.31
N PHE C 384 -35.85 -30.37 18.94
CA PHE C 384 -35.90 -29.72 17.63
C PHE C 384 -34.55 -29.85 16.95
N ARG C 385 -34.58 -30.20 15.68
CA ARG C 385 -33.36 -30.30 14.87
C ARG C 385 -33.51 -29.45 13.64
N LEU C 386 -32.42 -29.23 12.95
CA LEU C 386 -32.51 -28.60 11.67
C LEU C 386 -32.96 -29.71 10.75
N ALA C 387 -33.94 -29.42 9.90
CA ALA C 387 -34.33 -30.37 8.85
C ALA C 387 -33.10 -31.01 8.18
N PRO C 388 -33.15 -32.34 7.99
CA PRO C 388 -31.98 -33.10 7.50
C PRO C 388 -31.48 -32.65 6.13
N HIS C 389 -32.35 -32.07 5.29
CA HIS C 389 -31.96 -31.78 3.90
C HIS C 389 -30.88 -30.70 3.67
N LEU C 390 -31.21 -29.44 3.94
CA LEU C 390 -30.28 -28.31 3.81
C LEU C 390 -29.02 -28.45 4.71
N PRO C 391 -27.91 -27.80 4.33
CA PRO C 391 -26.66 -27.87 5.11
C PRO C 391 -26.52 -26.81 6.24
N ALA C 392 -26.17 -27.26 7.44
CA ALA C 392 -26.02 -26.39 8.60
C ALA C 392 -24.98 -25.26 8.44
N ASP C 393 -23.89 -25.51 7.70
CA ASP C 393 -22.88 -24.47 7.43
C ASP C 393 -23.51 -23.26 6.74
N ARG C 394 -23.94 -23.46 5.50
CA ARG C 394 -24.35 -22.36 4.60
C ARG C 394 -25.47 -21.50 5.19
N LEU C 395 -26.40 -22.16 5.89
CA LEU C 395 -27.65 -21.52 6.33
C LEU C 395 -27.38 -20.30 7.22
N ILE C 396 -26.48 -20.47 8.18
CA ILE C 396 -26.04 -19.36 9.04
C ILE C 396 -25.31 -18.25 8.28
N GLU C 397 -24.78 -18.54 7.10
CA GLU C 397 -24.20 -17.45 6.28
C GLU C 397 -25.38 -16.58 5.91
N VAL C 398 -26.34 -17.17 5.20
CA VAL C 398 -27.54 -16.43 4.73
C VAL C 398 -28.32 -15.82 5.89
N VAL C 399 -28.39 -16.54 7.02
CA VAL C 399 -29.16 -16.07 8.19
C VAL C 399 -28.48 -14.90 8.93
N ASP C 400 -27.17 -14.69 8.71
CA ASP C 400 -26.51 -13.55 9.36
C ASP C 400 -26.76 -12.17 8.70
N ASN C 401 -26.51 -12.06 7.40
CA ASN C 401 -26.68 -10.75 6.78
C ASN C 401 -28.15 -10.29 6.63
N ILE C 402 -29.08 -11.26 6.53
CA ILE C 402 -30.51 -10.94 6.56
C ILE C 402 -30.94 -10.47 7.95
N ILE C 403 -30.41 -11.12 8.99
CA ILE C 403 -30.70 -10.75 10.38
C ILE C 403 -30.32 -9.28 10.71
N GLN C 404 -29.14 -8.88 10.26
CA GLN C 404 -28.59 -7.55 10.57
C GLN C 404 -29.45 -6.40 9.99
N ALA C 405 -29.83 -6.51 8.73
CA ALA C 405 -30.66 -5.51 8.04
C ALA C 405 -31.98 -5.22 8.75
N LYS C 406 -32.61 -6.25 9.30
CA LYS C 406 -33.87 -6.08 10.04
C LYS C 406 -33.66 -5.56 11.47
N MET C 407 -32.46 -5.74 12.03
CA MET C 407 -32.02 -5.04 13.26
C MET C 407 -31.36 -3.70 12.88
N ALA C 408 -31.96 -3.07 11.87
CA ALA C 408 -31.48 -1.86 11.21
C ALA C 408 -32.66 -1.34 10.40
N SER C 409 -33.76 -2.10 10.47
CA SER C 409 -35.08 -1.63 10.07
C SER C 409 -35.70 -0.99 11.32
N GLY C 410 -35.76 -1.61 12.39
#